data_1X30
# 
_entry.id   1X30 
# 
_audit_conform.dict_name       mmcif_pdbx.dic 
_audit_conform.dict_version    5.392 
_audit_conform.dict_location   http://mmcif.pdb.org/dictionaries/ascii/mmcif_pdbx.dic 
# 
loop_
_database_2.database_id 
_database_2.database_code 
_database_2.pdbx_database_accession 
_database_2.pdbx_DOI 
PDB   1X30         pdb_00001x30 10.2210/pdb1x30/pdb 
RCSB  RCSB024314   ?            ?                   
WWPDB D_1000024314 ?            ?                   
# 
loop_
_pdbx_audit_revision_history.ordinal 
_pdbx_audit_revision_history.data_content_type 
_pdbx_audit_revision_history.major_revision 
_pdbx_audit_revision_history.minor_revision 
_pdbx_audit_revision_history.revision_date 
1 'Structure model' 1 0 2006-08-01 
2 'Structure model' 1 1 2008-04-30 
3 'Structure model' 1 2 2011-07-13 
4 'Structure model' 1 3 2022-03-02 
5 'Structure model' 1 4 2024-05-29 
# 
_pdbx_audit_revision_details.ordinal             1 
_pdbx_audit_revision_details.revision_ordinal    1 
_pdbx_audit_revision_details.data_content_type   'Structure model' 
_pdbx_audit_revision_details.provider            repository 
_pdbx_audit_revision_details.type                'Initial release' 
_pdbx_audit_revision_details.description         ? 
_pdbx_audit_revision_details.details             ? 
# 
loop_
_pdbx_audit_revision_group.ordinal 
_pdbx_audit_revision_group.revision_ordinal 
_pdbx_audit_revision_group.data_content_type 
_pdbx_audit_revision_group.group 
1 2 'Structure model' 'Version format compliance' 
2 3 'Structure model' 'Version format compliance' 
3 4 'Structure model' 'Data collection'           
4 4 'Structure model' 'Database references'       
5 4 'Structure model' 'Derived calculations'      
6 5 'Structure model' 'Data collection'           
# 
loop_
_pdbx_audit_revision_category.ordinal 
_pdbx_audit_revision_category.revision_ordinal 
_pdbx_audit_revision_category.data_content_type 
_pdbx_audit_revision_category.category 
1 4 'Structure model' database_2            
2 4 'Structure model' pdbx_nmr_software     
3 4 'Structure model' pdbx_nmr_spectrometer 
4 4 'Structure model' pdbx_struct_assembly  
5 4 'Structure model' pdbx_struct_oper_list 
6 5 'Structure model' chem_comp_atom        
7 5 'Structure model' chem_comp_bond        
# 
loop_
_pdbx_audit_revision_item.ordinal 
_pdbx_audit_revision_item.revision_ordinal 
_pdbx_audit_revision_item.data_content_type 
_pdbx_audit_revision_item.item 
1 4 'Structure model' '_database_2.pdbx_DOI'                
2 4 'Structure model' '_database_2.pdbx_database_accession' 
3 4 'Structure model' '_pdbx_nmr_software.name'             
4 4 'Structure model' '_pdbx_nmr_spectrometer.model'        
# 
_pdbx_database_status.status_code                     REL 
_pdbx_database_status.entry_id                        1X30 
_pdbx_database_status.recvd_initial_deposition_date   2005-04-26 
_pdbx_database_status.deposit_site                    PDBJ 
_pdbx_database_status.process_site                    PDBJ 
_pdbx_database_status.status_code_sf                  ? 
_pdbx_database_status.status_code_mr                  REL 
_pdbx_database_status.SG_entry                        ? 
_pdbx_database_status.pdb_format_compatible           Y 
_pdbx_database_status.status_code_cs                  ? 
_pdbx_database_status.status_code_nmr_data            ? 
_pdbx_database_status.methods_development_category    ? 
# 
loop_
_pdbx_database_related.db_name 
_pdbx_database_related.db_id 
_pdbx_database_related.details 
_pdbx_database_related.content_type 
PDB 1X2O 'RDCs were measured in bicelles SDS solution'                                         unspecified 
PDB 1X2S 'RDCs were measured in PF1 solution'                                                  unspecified 
PDB 1X2U 'RDCs were measured in PEG solution'                                                  unspecified 
PDB 1X2V 'This structure is the wild DNA sequence (without mismatch) that serves as reference' unspecified 
PDB 1X2X 'RDCs were measured in bicelles SDS solution, a tandem GT mismatches'                 unspecified 
PDB 1X2Y 'RDCs were measured in PF1 solution, a tandem GT mismatches'                          unspecified 
PDB 1X2Z 'RDCs were measured in PEG solution, a tandem GT mismatches'                          unspecified 
# 
loop_
_audit_author.name 
_audit_author.pdbx_ordinal 
'Alvarez-Salgado, F.' 1 
'Desvaux, H.'         2 
'Boulard, Y.'         3 
# 
_citation.id                        primary 
_citation.title                     
'NMR assessment of the global shape of a non-labelled DNA dodecamer containing a tandem of G--T mismatches' 
_citation.journal_abbrev            Magn.Reson.Chem. 
_citation.journal_volume            44 
_citation.page_first                1081 
_citation.page_last                 1089 
_citation.year                      2006 
_citation.journal_id_ASTM           MRCHEG 
_citation.country                   UK 
_citation.journal_id_ISSN           0749-1581 
_citation.journal_id_CSD            0731 
_citation.book_publisher            ? 
_citation.pdbx_database_id_PubMed   16972306 
_citation.pdbx_database_id_DOI      10.1002/mrc.1902 
# 
loop_
_citation_author.citation_id 
_citation_author.name 
_citation_author.ordinal 
_citation_author.identifier_ORCID 
primary 'Alvarez-Salgado, F.' 1 ? 
primary 'Desvaux, H.'         2 ? 
primary 'Boulard, Y.'         3 ? 
# 
_entity.id                         1 
_entity.type                       polymer 
_entity.src_method                 syn 
_entity.pdbx_description           "5'-D(*GP*AP*CP*TP*GP*TP*GP*CP*AP*GP*TP*C)-3'" 
_entity.formula_weight             3678.403 
_entity.pdbx_number_of_molecules   2 
_entity.pdbx_ec                    ? 
_entity.pdbx_mutation              ? 
_entity.pdbx_fragment              ? 
_entity.details                    ? 
# 
_entity_poly.entity_id                      1 
_entity_poly.type                           polydeoxyribonucleotide 
_entity_poly.nstd_linkage                   no 
_entity_poly.nstd_monomer                   no 
_entity_poly.pdbx_seq_one_letter_code       '(DG)(DA)(DC)(DT)(DG)(DT)(DG)(DC)(DA)(DG)(DT)(DC)' 
_entity_poly.pdbx_seq_one_letter_code_can   GACTGTGCAGTC 
_entity_poly.pdbx_strand_id                 A,B 
_entity_poly.pdbx_target_identifier         ? 
# 
loop_
_entity_poly_seq.entity_id 
_entity_poly_seq.num 
_entity_poly_seq.mon_id 
_entity_poly_seq.hetero 
1 1  DG n 
1 2  DA n 
1 3  DC n 
1 4  DT n 
1 5  DG n 
1 6  DT n 
1 7  DG n 
1 8  DC n 
1 9  DA n 
1 10 DG n 
1 11 DT n 
1 12 DC n 
# 
loop_
_chem_comp.id 
_chem_comp.type 
_chem_comp.mon_nstd_flag 
_chem_comp.name 
_chem_comp.pdbx_synonyms 
_chem_comp.formula 
_chem_comp.formula_weight 
DA 'DNA linking' y "2'-DEOXYADENOSINE-5'-MONOPHOSPHATE" ? 'C10 H14 N5 O6 P' 331.222 
DC 'DNA linking' y "2'-DEOXYCYTIDINE-5'-MONOPHOSPHATE"  ? 'C9 H14 N3 O7 P'  307.197 
DG 'DNA linking' y "2'-DEOXYGUANOSINE-5'-MONOPHOSPHATE" ? 'C10 H14 N5 O7 P' 347.221 
DT 'DNA linking' y "THYMIDINE-5'-MONOPHOSPHATE"         ? 'C10 H15 N2 O8 P' 322.208 
# 
loop_
_pdbx_poly_seq_scheme.asym_id 
_pdbx_poly_seq_scheme.entity_id 
_pdbx_poly_seq_scheme.seq_id 
_pdbx_poly_seq_scheme.mon_id 
_pdbx_poly_seq_scheme.ndb_seq_num 
_pdbx_poly_seq_scheme.pdb_seq_num 
_pdbx_poly_seq_scheme.auth_seq_num 
_pdbx_poly_seq_scheme.pdb_mon_id 
_pdbx_poly_seq_scheme.auth_mon_id 
_pdbx_poly_seq_scheme.pdb_strand_id 
_pdbx_poly_seq_scheme.pdb_ins_code 
_pdbx_poly_seq_scheme.hetero 
A 1 1  DG 1  1  1  DG G A . n 
A 1 2  DA 2  2  2  DA A A . n 
A 1 3  DC 3  3  3  DC C A . n 
A 1 4  DT 4  4  4  DT T A . n 
A 1 5  DG 5  5  5  DG G A . n 
A 1 6  DT 6  6  6  DT T A . n 
A 1 7  DG 7  7  7  DG G A . n 
A 1 8  DC 8  8  8  DC C A . n 
A 1 9  DA 9  9  9  DA A A . n 
A 1 10 DG 10 10 10 DG G A . n 
A 1 11 DT 11 11 11 DT T A . n 
A 1 12 DC 12 12 12 DC C A . n 
B 1 1  DG 1  13 13 DG G B . n 
B 1 2  DA 2  14 14 DA A B . n 
B 1 3  DC 3  15 15 DC C B . n 
B 1 4  DT 4  16 16 DT T B . n 
B 1 5  DG 5  17 17 DG G B . n 
B 1 6  DT 6  18 18 DT T B . n 
B 1 7  DG 7  19 19 DG G B . n 
B 1 8  DC 8  20 20 DC C B . n 
B 1 9  DA 9  21 21 DA A B . n 
B 1 10 DG 10 22 22 DG G B . n 
B 1 11 DT 11 23 23 DT T B . n 
B 1 12 DC 12 24 24 DC C B . n 
# 
_cell.entry_id           1X30 
_cell.length_a           1.000 
_cell.length_b           1.000 
_cell.length_c           1.000 
_cell.angle_alpha        90.00 
_cell.angle_beta         90.00 
_cell.angle_gamma        90.00 
_cell.Z_PDB              1 
_cell.pdbx_unique_axis   ? 
# 
_symmetry.entry_id                         1X30 
_symmetry.space_group_name_H-M             'P 1' 
_symmetry.pdbx_full_space_group_name_H-M   ? 
_symmetry.cell_setting                     ? 
_symmetry.Int_Tables_number                1 
# 
_exptl.entry_id          1X30 
_exptl.method            'SOLUTION NMR' 
_exptl.crystals_number   ? 
# 
_struct.entry_id                  1X30 
_struct.title                     
'NMR Solution structures of a DNA dodecamer containing a tandem GT mismatches using NOE and residual dipolar couplings' 
_struct.pdbx_model_details        ? 
_struct.pdbx_CASP_flag            ? 
_struct.pdbx_model_type_details   ? 
# 
_struct_keywords.entry_id        1X30 
_struct_keywords.pdbx_keywords   DNA 
_struct_keywords.text            'RDC, deoxyribonucleic acid, liquid crystal, tandem GT mismatches, DNA' 
# 
loop_
_struct_asym.id 
_struct_asym.pdbx_blank_PDB_chainid_flag 
_struct_asym.pdbx_modified 
_struct_asym.entity_id 
_struct_asym.details 
A N N 1 ? 
B N N 1 ? 
# 
_struct_ref.id                         1 
_struct_ref.entity_id                  1 
_struct_ref.db_name                    PDB 
_struct_ref.db_code                    1X30 
_struct_ref.pdbx_db_accession          1X30 
_struct_ref.pdbx_db_isoform            ? 
_struct_ref.pdbx_seq_one_letter_code   ? 
_struct_ref.pdbx_align_begin           ? 
# 
loop_
_struct_ref_seq.align_id 
_struct_ref_seq.ref_id 
_struct_ref_seq.pdbx_PDB_id_code 
_struct_ref_seq.pdbx_strand_id 
_struct_ref_seq.seq_align_beg 
_struct_ref_seq.pdbx_seq_align_beg_ins_code 
_struct_ref_seq.seq_align_end 
_struct_ref_seq.pdbx_seq_align_end_ins_code 
_struct_ref_seq.pdbx_db_accession 
_struct_ref_seq.db_align_beg 
_struct_ref_seq.pdbx_db_align_beg_ins_code 
_struct_ref_seq.db_align_end 
_struct_ref_seq.pdbx_db_align_end_ins_code 
_struct_ref_seq.pdbx_auth_seq_align_beg 
_struct_ref_seq.pdbx_auth_seq_align_end 
1 1 1X30 A 1 ? 12 ? 1X30 1  ? 12 ? 1  12 
2 1 1X30 B 1 ? 12 ? 1X30 13 ? 24 ? 13 24 
# 
_pdbx_struct_assembly.id                   1 
_pdbx_struct_assembly.details              author_defined_assembly 
_pdbx_struct_assembly.method_details       ? 
_pdbx_struct_assembly.oligomeric_details   dimeric 
_pdbx_struct_assembly.oligomeric_count     2 
# 
_pdbx_struct_assembly_gen.assembly_id       1 
_pdbx_struct_assembly_gen.oper_expression   1 
_pdbx_struct_assembly_gen.asym_id_list      A,B 
# 
_pdbx_struct_oper_list.id                   1 
_pdbx_struct_oper_list.type                 'identity operation' 
_pdbx_struct_oper_list.name                 1_555 
_pdbx_struct_oper_list.symmetry_operation   x,y,z 
_pdbx_struct_oper_list.matrix[1][1]         1.0000000000 
_pdbx_struct_oper_list.matrix[1][2]         0.0000000000 
_pdbx_struct_oper_list.matrix[1][3]         0.0000000000 
_pdbx_struct_oper_list.vector[1]            0.0000000000 
_pdbx_struct_oper_list.matrix[2][1]         0.0000000000 
_pdbx_struct_oper_list.matrix[2][2]         1.0000000000 
_pdbx_struct_oper_list.matrix[2][3]         0.0000000000 
_pdbx_struct_oper_list.vector[2]            0.0000000000 
_pdbx_struct_oper_list.matrix[3][1]         0.0000000000 
_pdbx_struct_oper_list.matrix[3][2]         0.0000000000 
_pdbx_struct_oper_list.matrix[3][3]         1.0000000000 
_pdbx_struct_oper_list.vector[3]            0.0000000000 
# 
_struct_biol.id   1 
# 
loop_
_struct_conn.id 
_struct_conn.conn_type_id 
_struct_conn.pdbx_leaving_atom_flag 
_struct_conn.pdbx_PDB_id 
_struct_conn.ptnr1_label_asym_id 
_struct_conn.ptnr1_label_comp_id 
_struct_conn.ptnr1_label_seq_id 
_struct_conn.ptnr1_label_atom_id 
_struct_conn.pdbx_ptnr1_label_alt_id 
_struct_conn.pdbx_ptnr1_PDB_ins_code 
_struct_conn.pdbx_ptnr1_standard_comp_id 
_struct_conn.ptnr1_symmetry 
_struct_conn.ptnr2_label_asym_id 
_struct_conn.ptnr2_label_comp_id 
_struct_conn.ptnr2_label_seq_id 
_struct_conn.ptnr2_label_atom_id 
_struct_conn.pdbx_ptnr2_label_alt_id 
_struct_conn.pdbx_ptnr2_PDB_ins_code 
_struct_conn.ptnr1_auth_asym_id 
_struct_conn.ptnr1_auth_comp_id 
_struct_conn.ptnr1_auth_seq_id 
_struct_conn.ptnr2_auth_asym_id 
_struct_conn.ptnr2_auth_comp_id 
_struct_conn.ptnr2_auth_seq_id 
_struct_conn.ptnr2_symmetry 
_struct_conn.pdbx_ptnr3_label_atom_id 
_struct_conn.pdbx_ptnr3_label_seq_id 
_struct_conn.pdbx_ptnr3_label_comp_id 
_struct_conn.pdbx_ptnr3_label_asym_id 
_struct_conn.pdbx_ptnr3_label_alt_id 
_struct_conn.pdbx_ptnr3_PDB_ins_code 
_struct_conn.details 
_struct_conn.pdbx_dist_value 
_struct_conn.pdbx_value_order 
_struct_conn.pdbx_role 
hydrog1  hydrog ? ? A DG 1  N1 ? ? ? 1_555 B DC 12 N3 ? ? A DG 1  B DC 24 1_555 ? ? ? ? ? ? WATSON-CRICK ? ? ? 
hydrog2  hydrog ? ? A DG 1  N2 ? ? ? 1_555 B DC 12 O2 ? ? A DG 1  B DC 24 1_555 ? ? ? ? ? ? WATSON-CRICK ? ? ? 
hydrog3  hydrog ? ? A DG 1  O6 ? ? ? 1_555 B DC 12 N4 ? ? A DG 1  B DC 24 1_555 ? ? ? ? ? ? WATSON-CRICK ? ? ? 
hydrog4  hydrog ? ? A DA 2  N1 ? ? ? 1_555 B DT 11 N3 ? ? A DA 2  B DT 23 1_555 ? ? ? ? ? ? WATSON-CRICK ? ? ? 
hydrog5  hydrog ? ? A DA 2  N6 ? ? ? 1_555 B DT 11 O4 ? ? A DA 2  B DT 23 1_555 ? ? ? ? ? ? WATSON-CRICK ? ? ? 
hydrog6  hydrog ? ? A DC 3  N3 ? ? ? 1_555 B DG 10 N1 ? ? A DC 3  B DG 22 1_555 ? ? ? ? ? ? WATSON-CRICK ? ? ? 
hydrog7  hydrog ? ? A DC 3  N4 ? ? ? 1_555 B DG 10 O6 ? ? A DC 3  B DG 22 1_555 ? ? ? ? ? ? WATSON-CRICK ? ? ? 
hydrog8  hydrog ? ? A DC 3  O2 ? ? ? 1_555 B DG 10 N2 ? ? A DC 3  B DG 22 1_555 ? ? ? ? ? ? WATSON-CRICK ? ? ? 
hydrog9  hydrog ? ? A DT 4  N3 ? ? ? 1_555 B DA 9  N1 ? ? A DT 4  B DA 21 1_555 ? ? ? ? ? ? WATSON-CRICK ? ? ? 
hydrog10 hydrog ? ? A DT 4  O4 ? ? ? 1_555 B DA 9  N6 ? ? A DT 4  B DA 21 1_555 ? ? ? ? ? ? WATSON-CRICK ? ? ? 
hydrog11 hydrog ? ? A DG 5  N1 ? ? ? 1_555 B DC 8  N3 ? ? A DG 5  B DC 20 1_555 ? ? ? ? ? ? WATSON-CRICK ? ? ? 
hydrog12 hydrog ? ? A DG 5  N2 ? ? ? 1_555 B DC 8  O2 ? ? A DG 5  B DC 20 1_555 ? ? ? ? ? ? WATSON-CRICK ? ? ? 
hydrog13 hydrog ? ? A DG 5  O6 ? ? ? 1_555 B DC 8  N4 ? ? A DG 5  B DC 20 1_555 ? ? ? ? ? ? WATSON-CRICK ? ? ? 
hydrog14 hydrog ? ? A DT 6  N3 ? ? ? 1_555 B DG 7  O6 ? ? A DT 6  B DG 19 1_555 ? ? ? ? ? ? TYPE_28_PAIR ? ? ? 
hydrog15 hydrog ? ? A DT 6  O2 ? ? ? 1_555 B DG 7  N1 ? ? A DT 6  B DG 19 1_555 ? ? ? ? ? ? TYPE_28_PAIR ? ? ? 
hydrog16 hydrog ? ? A DG 7  N1 ? ? ? 1_555 B DT 6  O2 ? ? A DG 7  B DT 18 1_555 ? ? ? ? ? ? TYPE_28_PAIR ? ? ? 
hydrog17 hydrog ? ? A DG 7  O6 ? ? ? 1_555 B DT 6  N3 ? ? A DG 7  B DT 18 1_555 ? ? ? ? ? ? TYPE_28_PAIR ? ? ? 
hydrog18 hydrog ? ? A DC 8  N3 ? ? ? 1_555 B DG 5  N1 ? ? A DC 8  B DG 17 1_555 ? ? ? ? ? ? WATSON-CRICK ? ? ? 
hydrog19 hydrog ? ? A DC 8  N4 ? ? ? 1_555 B DG 5  O6 ? ? A DC 8  B DG 17 1_555 ? ? ? ? ? ? WATSON-CRICK ? ? ? 
hydrog20 hydrog ? ? A DC 8  O2 ? ? ? 1_555 B DG 5  N2 ? ? A DC 8  B DG 17 1_555 ? ? ? ? ? ? WATSON-CRICK ? ? ? 
hydrog21 hydrog ? ? A DA 9  N1 ? ? ? 1_555 B DT 4  N3 ? ? A DA 9  B DT 16 1_555 ? ? ? ? ? ? WATSON-CRICK ? ? ? 
hydrog22 hydrog ? ? A DA 9  N6 ? ? ? 1_555 B DT 4  O4 ? ? A DA 9  B DT 16 1_555 ? ? ? ? ? ? WATSON-CRICK ? ? ? 
hydrog23 hydrog ? ? A DG 10 N1 ? ? ? 1_555 B DC 3  N3 ? ? A DG 10 B DC 15 1_555 ? ? ? ? ? ? WATSON-CRICK ? ? ? 
hydrog24 hydrog ? ? A DG 10 N2 ? ? ? 1_555 B DC 3  O2 ? ? A DG 10 B DC 15 1_555 ? ? ? ? ? ? WATSON-CRICK ? ? ? 
hydrog25 hydrog ? ? A DG 10 O6 ? ? ? 1_555 B DC 3  N4 ? ? A DG 10 B DC 15 1_555 ? ? ? ? ? ? WATSON-CRICK ? ? ? 
hydrog26 hydrog ? ? A DT 11 N3 ? ? ? 1_555 B DA 2  N1 ? ? A DT 11 B DA 14 1_555 ? ? ? ? ? ? WATSON-CRICK ? ? ? 
hydrog27 hydrog ? ? A DT 11 O4 ? ? ? 1_555 B DA 2  N6 ? ? A DT 11 B DA 14 1_555 ? ? ? ? ? ? WATSON-CRICK ? ? ? 
hydrog28 hydrog ? ? A DC 12 N3 ? ? ? 1_555 B DG 1  N1 ? ? A DC 12 B DG 13 1_555 ? ? ? ? ? ? WATSON-CRICK ? ? ? 
hydrog29 hydrog ? ? A DC 12 N4 ? ? ? 1_555 B DG 1  O6 ? ? A DC 12 B DG 13 1_555 ? ? ? ? ? ? WATSON-CRICK ? ? ? 
hydrog30 hydrog ? ? A DC 12 O2 ? ? ? 1_555 B DG 1  N2 ? ? A DC 12 B DG 13 1_555 ? ? ? ? ? ? WATSON-CRICK ? ? ? 
# 
_struct_conn_type.id          hydrog 
_struct_conn_type.criteria    ? 
_struct_conn_type.reference   ? 
# 
_pdbx_nmr_ensemble.entry_id                                      1X30 
_pdbx_nmr_ensemble.conformers_calculated_total_number            ? 
_pdbx_nmr_ensemble.conformers_submitted_total_number             1 
_pdbx_nmr_ensemble.conformer_selection_criteria                  ? 
_pdbx_nmr_ensemble.average_constraints_per_residue               ? 
_pdbx_nmr_ensemble.average_constraint_violations_per_residue     ? 
_pdbx_nmr_ensemble.maximum_distance_constraint_violation         ? 
_pdbx_nmr_ensemble.average_distance_constraint_violation         ? 
_pdbx_nmr_ensemble.maximum_upper_distance_constraint_violation   ? 
_pdbx_nmr_ensemble.maximum_lower_distance_constraint_violation   ? 
_pdbx_nmr_ensemble.distance_constraint_violation_method          ? 
_pdbx_nmr_ensemble.maximum_torsion_angle_constraint_violation    ? 
_pdbx_nmr_ensemble.average_torsion_angle_constraint_violation    ? 
_pdbx_nmr_ensemble.torsion_angle_constraint_violation_method     ? 
# 
_pdbx_nmr_sample_details.solution_id      1 
_pdbx_nmr_sample_details.contents         '0.5mM DNA, 10mM PHOSPHATE BUFFER, 50mM NACL, 0.5mM EDTA' 
_pdbx_nmr_sample_details.solvent_system   ? 
# 
_pdbx_nmr_exptl_sample_conditions.conditions_id       1 
_pdbx_nmr_exptl_sample_conditions.temperature         298 
_pdbx_nmr_exptl_sample_conditions.pressure            AMBIENT 
_pdbx_nmr_exptl_sample_conditions.pH                  7.0 
_pdbx_nmr_exptl_sample_conditions.ionic_strength      '10mM PHOSPHATE BUFFER, 50mM NACL, 0.2mM EDTA' 
_pdbx_nmr_exptl_sample_conditions.pressure_units      . 
_pdbx_nmr_exptl_sample_conditions.temperature_units   K 
# 
loop_
_pdbx_nmr_exptl.experiment_id 
_pdbx_nmr_exptl.conditions_id 
_pdbx_nmr_exptl.type 
_pdbx_nmr_exptl.solution_id 
1 1 NOESY         1 
2 1 COSY          1 
3 1 TOCSY         1 
4 1 'HSQC 1H-13C' 1 
# 
_pdbx_nmr_refine.entry_id           1X30 
_pdbx_nmr_refine.method             'simulated annealing, energy minimization' 
_pdbx_nmr_refine.details            ? 
_pdbx_nmr_refine.software_ordinal   1 
# 
loop_
_pdbx_nmr_software.classification 
_pdbx_nmr_software.name 
_pdbx_nmr_software.version 
_pdbx_nmr_software.authors 
_pdbx_nmr_software.ordinal 
refinement      CNS     1.1 ?      1 
processing      XwinNMR 2.5 BRUKER 2 
'data analysis' MOLMOL  2.6 KORADI 3 
'data analysis' Curves  5.3 LAVERY 4 
# 
loop_
_chem_comp_atom.comp_id 
_chem_comp_atom.atom_id 
_chem_comp_atom.type_symbol 
_chem_comp_atom.pdbx_aromatic_flag 
_chem_comp_atom.pdbx_stereo_config 
_chem_comp_atom.pdbx_ordinal 
DA OP3    O N N 1   
DA P      P N N 2   
DA OP1    O N N 3   
DA OP2    O N N 4   
DA "O5'"  O N N 5   
DA "C5'"  C N N 6   
DA "C4'"  C N R 7   
DA "O4'"  O N N 8   
DA "C3'"  C N S 9   
DA "O3'"  O N N 10  
DA "C2'"  C N N 11  
DA "C1'"  C N R 12  
DA N9     N Y N 13  
DA C8     C Y N 14  
DA N7     N Y N 15  
DA C5     C Y N 16  
DA C6     C Y N 17  
DA N6     N N N 18  
DA N1     N Y N 19  
DA C2     C Y N 20  
DA N3     N Y N 21  
DA C4     C Y N 22  
DA HOP3   H N N 23  
DA HOP2   H N N 24  
DA "H5'"  H N N 25  
DA "H5''" H N N 26  
DA "H4'"  H N N 27  
DA "H3'"  H N N 28  
DA "HO3'" H N N 29  
DA "H2'"  H N N 30  
DA "H2''" H N N 31  
DA "H1'"  H N N 32  
DA H8     H N N 33  
DA H61    H N N 34  
DA H62    H N N 35  
DA H2     H N N 36  
DC OP3    O N N 37  
DC P      P N N 38  
DC OP1    O N N 39  
DC OP2    O N N 40  
DC "O5'"  O N N 41  
DC "C5'"  C N N 42  
DC "C4'"  C N R 43  
DC "O4'"  O N N 44  
DC "C3'"  C N S 45  
DC "O3'"  O N N 46  
DC "C2'"  C N N 47  
DC "C1'"  C N R 48  
DC N1     N N N 49  
DC C2     C N N 50  
DC O2     O N N 51  
DC N3     N N N 52  
DC C4     C N N 53  
DC N4     N N N 54  
DC C5     C N N 55  
DC C6     C N N 56  
DC HOP3   H N N 57  
DC HOP2   H N N 58  
DC "H5'"  H N N 59  
DC "H5''" H N N 60  
DC "H4'"  H N N 61  
DC "H3'"  H N N 62  
DC "HO3'" H N N 63  
DC "H2'"  H N N 64  
DC "H2''" H N N 65  
DC "H1'"  H N N 66  
DC H41    H N N 67  
DC H42    H N N 68  
DC H5     H N N 69  
DC H6     H N N 70  
DG OP3    O N N 71  
DG P      P N N 72  
DG OP1    O N N 73  
DG OP2    O N N 74  
DG "O5'"  O N N 75  
DG "C5'"  C N N 76  
DG "C4'"  C N R 77  
DG "O4'"  O N N 78  
DG "C3'"  C N S 79  
DG "O3'"  O N N 80  
DG "C2'"  C N N 81  
DG "C1'"  C N R 82  
DG N9     N Y N 83  
DG C8     C Y N 84  
DG N7     N Y N 85  
DG C5     C Y N 86  
DG C6     C N N 87  
DG O6     O N N 88  
DG N1     N N N 89  
DG C2     C N N 90  
DG N2     N N N 91  
DG N3     N N N 92  
DG C4     C Y N 93  
DG HOP3   H N N 94  
DG HOP2   H N N 95  
DG "H5'"  H N N 96  
DG "H5''" H N N 97  
DG "H4'"  H N N 98  
DG "H3'"  H N N 99  
DG "HO3'" H N N 100 
DG "H2'"  H N N 101 
DG "H2''" H N N 102 
DG "H1'"  H N N 103 
DG H8     H N N 104 
DG H1     H N N 105 
DG H21    H N N 106 
DG H22    H N N 107 
DT OP3    O N N 108 
DT P      P N N 109 
DT OP1    O N N 110 
DT OP2    O N N 111 
DT "O5'"  O N N 112 
DT "C5'"  C N N 113 
DT "C4'"  C N R 114 
DT "O4'"  O N N 115 
DT "C3'"  C N S 116 
DT "O3'"  O N N 117 
DT "C2'"  C N N 118 
DT "C1'"  C N R 119 
DT N1     N N N 120 
DT C2     C N N 121 
DT O2     O N N 122 
DT N3     N N N 123 
DT C4     C N N 124 
DT O4     O N N 125 
DT C5     C N N 126 
DT C7     C N N 127 
DT C6     C N N 128 
DT HOP3   H N N 129 
DT HOP2   H N N 130 
DT "H5'"  H N N 131 
DT "H5''" H N N 132 
DT "H4'"  H N N 133 
DT "H3'"  H N N 134 
DT "HO3'" H N N 135 
DT "H2'"  H N N 136 
DT "H2''" H N N 137 
DT "H1'"  H N N 138 
DT H3     H N N 139 
DT H71    H N N 140 
DT H72    H N N 141 
DT H73    H N N 142 
DT H6     H N N 143 
# 
loop_
_chem_comp_bond.comp_id 
_chem_comp_bond.atom_id_1 
_chem_comp_bond.atom_id_2 
_chem_comp_bond.value_order 
_chem_comp_bond.pdbx_aromatic_flag 
_chem_comp_bond.pdbx_stereo_config 
_chem_comp_bond.pdbx_ordinal 
DA OP3   P      sing N N 1   
DA OP3   HOP3   sing N N 2   
DA P     OP1    doub N N 3   
DA P     OP2    sing N N 4   
DA P     "O5'"  sing N N 5   
DA OP2   HOP2   sing N N 6   
DA "O5'" "C5'"  sing N N 7   
DA "C5'" "C4'"  sing N N 8   
DA "C5'" "H5'"  sing N N 9   
DA "C5'" "H5''" sing N N 10  
DA "C4'" "O4'"  sing N N 11  
DA "C4'" "C3'"  sing N N 12  
DA "C4'" "H4'"  sing N N 13  
DA "O4'" "C1'"  sing N N 14  
DA "C3'" "O3'"  sing N N 15  
DA "C3'" "C2'"  sing N N 16  
DA "C3'" "H3'"  sing N N 17  
DA "O3'" "HO3'" sing N N 18  
DA "C2'" "C1'"  sing N N 19  
DA "C2'" "H2'"  sing N N 20  
DA "C2'" "H2''" sing N N 21  
DA "C1'" N9     sing N N 22  
DA "C1'" "H1'"  sing N N 23  
DA N9    C8     sing Y N 24  
DA N9    C4     sing Y N 25  
DA C8    N7     doub Y N 26  
DA C8    H8     sing N N 27  
DA N7    C5     sing Y N 28  
DA C5    C6     sing Y N 29  
DA C5    C4     doub Y N 30  
DA C6    N6     sing N N 31  
DA C6    N1     doub Y N 32  
DA N6    H61    sing N N 33  
DA N6    H62    sing N N 34  
DA N1    C2     sing Y N 35  
DA C2    N3     doub Y N 36  
DA C2    H2     sing N N 37  
DA N3    C4     sing Y N 38  
DC OP3   P      sing N N 39  
DC OP3   HOP3   sing N N 40  
DC P     OP1    doub N N 41  
DC P     OP2    sing N N 42  
DC P     "O5'"  sing N N 43  
DC OP2   HOP2   sing N N 44  
DC "O5'" "C5'"  sing N N 45  
DC "C5'" "C4'"  sing N N 46  
DC "C5'" "H5'"  sing N N 47  
DC "C5'" "H5''" sing N N 48  
DC "C4'" "O4'"  sing N N 49  
DC "C4'" "C3'"  sing N N 50  
DC "C4'" "H4'"  sing N N 51  
DC "O4'" "C1'"  sing N N 52  
DC "C3'" "O3'"  sing N N 53  
DC "C3'" "C2'"  sing N N 54  
DC "C3'" "H3'"  sing N N 55  
DC "O3'" "HO3'" sing N N 56  
DC "C2'" "C1'"  sing N N 57  
DC "C2'" "H2'"  sing N N 58  
DC "C2'" "H2''" sing N N 59  
DC "C1'" N1     sing N N 60  
DC "C1'" "H1'"  sing N N 61  
DC N1    C2     sing N N 62  
DC N1    C6     sing N N 63  
DC C2    O2     doub N N 64  
DC C2    N3     sing N N 65  
DC N3    C4     doub N N 66  
DC C4    N4     sing N N 67  
DC C4    C5     sing N N 68  
DC N4    H41    sing N N 69  
DC N4    H42    sing N N 70  
DC C5    C6     doub N N 71  
DC C5    H5     sing N N 72  
DC C6    H6     sing N N 73  
DG OP3   P      sing N N 74  
DG OP3   HOP3   sing N N 75  
DG P     OP1    doub N N 76  
DG P     OP2    sing N N 77  
DG P     "O5'"  sing N N 78  
DG OP2   HOP2   sing N N 79  
DG "O5'" "C5'"  sing N N 80  
DG "C5'" "C4'"  sing N N 81  
DG "C5'" "H5'"  sing N N 82  
DG "C5'" "H5''" sing N N 83  
DG "C4'" "O4'"  sing N N 84  
DG "C4'" "C3'"  sing N N 85  
DG "C4'" "H4'"  sing N N 86  
DG "O4'" "C1'"  sing N N 87  
DG "C3'" "O3'"  sing N N 88  
DG "C3'" "C2'"  sing N N 89  
DG "C3'" "H3'"  sing N N 90  
DG "O3'" "HO3'" sing N N 91  
DG "C2'" "C1'"  sing N N 92  
DG "C2'" "H2'"  sing N N 93  
DG "C2'" "H2''" sing N N 94  
DG "C1'" N9     sing N N 95  
DG "C1'" "H1'"  sing N N 96  
DG N9    C8     sing Y N 97  
DG N9    C4     sing Y N 98  
DG C8    N7     doub Y N 99  
DG C8    H8     sing N N 100 
DG N7    C5     sing Y N 101 
DG C5    C6     sing N N 102 
DG C5    C4     doub Y N 103 
DG C6    O6     doub N N 104 
DG C6    N1     sing N N 105 
DG N1    C2     sing N N 106 
DG N1    H1     sing N N 107 
DG C2    N2     sing N N 108 
DG C2    N3     doub N N 109 
DG N2    H21    sing N N 110 
DG N2    H22    sing N N 111 
DG N3    C4     sing N N 112 
DT OP3   P      sing N N 113 
DT OP3   HOP3   sing N N 114 
DT P     OP1    doub N N 115 
DT P     OP2    sing N N 116 
DT P     "O5'"  sing N N 117 
DT OP2   HOP2   sing N N 118 
DT "O5'" "C5'"  sing N N 119 
DT "C5'" "C4'"  sing N N 120 
DT "C5'" "H5'"  sing N N 121 
DT "C5'" "H5''" sing N N 122 
DT "C4'" "O4'"  sing N N 123 
DT "C4'" "C3'"  sing N N 124 
DT "C4'" "H4'"  sing N N 125 
DT "O4'" "C1'"  sing N N 126 
DT "C3'" "O3'"  sing N N 127 
DT "C3'" "C2'"  sing N N 128 
DT "C3'" "H3'"  sing N N 129 
DT "O3'" "HO3'" sing N N 130 
DT "C2'" "C1'"  sing N N 131 
DT "C2'" "H2'"  sing N N 132 
DT "C2'" "H2''" sing N N 133 
DT "C1'" N1     sing N N 134 
DT "C1'" "H1'"  sing N N 135 
DT N1    C2     sing N N 136 
DT N1    C6     sing N N 137 
DT C2    O2     doub N N 138 
DT C2    N3     sing N N 139 
DT N3    C4     sing N N 140 
DT N3    H3     sing N N 141 
DT C4    O4     doub N N 142 
DT C4    C5     sing N N 143 
DT C5    C7     sing N N 144 
DT C5    C6     doub N N 145 
DT C7    H71    sing N N 146 
DT C7    H72    sing N N 147 
DT C7    H73    sing N N 148 
DT C6    H6     sing N N 149 
# 
loop_
_ndb_struct_conf_na.entry_id 
_ndb_struct_conf_na.feature 
1X30 'double helix'         
1X30 'b-form double helix'  
1X30 'mismatched base pair' 
# 
loop_
_ndb_struct_na_base_pair.model_number 
_ndb_struct_na_base_pair.i_label_asym_id 
_ndb_struct_na_base_pair.i_label_comp_id 
_ndb_struct_na_base_pair.i_label_seq_id 
_ndb_struct_na_base_pair.i_symmetry 
_ndb_struct_na_base_pair.j_label_asym_id 
_ndb_struct_na_base_pair.j_label_comp_id 
_ndb_struct_na_base_pair.j_label_seq_id 
_ndb_struct_na_base_pair.j_symmetry 
_ndb_struct_na_base_pair.shear 
_ndb_struct_na_base_pair.stretch 
_ndb_struct_na_base_pair.stagger 
_ndb_struct_na_base_pair.buckle 
_ndb_struct_na_base_pair.propeller 
_ndb_struct_na_base_pair.opening 
_ndb_struct_na_base_pair.pair_number 
_ndb_struct_na_base_pair.pair_name 
_ndb_struct_na_base_pair.i_auth_asym_id 
_ndb_struct_na_base_pair.i_auth_seq_id 
_ndb_struct_na_base_pair.i_PDB_ins_code 
_ndb_struct_na_base_pair.j_auth_asym_id 
_ndb_struct_na_base_pair.j_auth_seq_id 
_ndb_struct_na_base_pair.j_PDB_ins_code 
_ndb_struct_na_base_pair.hbond_type_28 
_ndb_struct_na_base_pair.hbond_type_12 
1 A DG 1  1_555 B DC 12 1_555 -0.523 -0.149 0.016  -0.255 -0.084 2.782  1  A_DG1:DC24_B  A 1  ? B 24 ? 19 1 
1 A DA 2  1_555 B DT 11 1_555 -0.481 -0.232 0.027  0.405  -1.208 -4.898 2  A_DA2:DT23_B  A 2  ? B 23 ? 20 1 
1 A DC 3  1_555 B DG 10 1_555 0.488  -0.228 0.000  -0.249 -0.574 -0.820 3  A_DC3:DG22_B  A 3  ? B 22 ? 19 1 
1 A DT 4  1_555 B DA 9  1_555 -0.168 -0.227 0.004  -0.259 -1.608 -1.146 4  A_DT4:DA21_B  A 4  ? B 21 ? 20 1 
1 A DG 5  1_555 B DC 8  1_555 -0.484 -0.148 0.008  0.045  -0.911 -0.104 5  A_DG5:DC20_B  A 5  ? B 20 ? 19 1 
1 A DT 6  1_555 B DG 7  1_555 1.857  -0.309 0.010  0.326  -1.066 1.985  6  A_DT6:DG19_B  A 6  ? B 19 ? 28 1 
1 A DG 7  1_555 B DT 6  1_555 -1.848 -0.306 0.011  -0.339 -1.012 1.289  7  A_DG7:DT18_B  A 7  ? B 18 ? 28 1 
1 A DC 8  1_555 B DG 5  1_555 0.598  -0.193 0.012  -0.079 -0.989 -0.222 8  A_DC8:DG17_B  A 8  ? B 17 ? 19 1 
1 A DA 9  1_555 B DT 4  1_555 0.272  -0.219 0.009  0.304  -1.764 0.452  9  A_DA9:DT16_B  A 9  ? B 16 ? 20 1 
1 A DG 10 1_555 B DC 3  1_555 -0.070 -0.141 -0.016 0.400  -0.387 -0.147 10 A_DG10:DC15_B A 10 ? B 15 ? 19 1 
1 A DT 11 1_555 B DA 2  1_555 0.287  -0.228 0.058  -0.460 -1.268 -5.431 11 A_DT11:DA14_B A 11 ? B 14 ? 20 1 
1 A DC 12 1_555 B DG 1  1_555 0.560  -0.220 0.012  0.148  -0.051 2.417  12 A_DC12:DG13_B A 12 ? B 13 ? 19 1 
# 
loop_
_ndb_struct_na_base_pair_step.model_number 
_ndb_struct_na_base_pair_step.i_label_asym_id_1 
_ndb_struct_na_base_pair_step.i_label_comp_id_1 
_ndb_struct_na_base_pair_step.i_label_seq_id_1 
_ndb_struct_na_base_pair_step.i_symmetry_1 
_ndb_struct_na_base_pair_step.j_label_asym_id_1 
_ndb_struct_na_base_pair_step.j_label_comp_id_1 
_ndb_struct_na_base_pair_step.j_label_seq_id_1 
_ndb_struct_na_base_pair_step.j_symmetry_1 
_ndb_struct_na_base_pair_step.i_label_asym_id_2 
_ndb_struct_na_base_pair_step.i_label_comp_id_2 
_ndb_struct_na_base_pair_step.i_label_seq_id_2 
_ndb_struct_na_base_pair_step.i_symmetry_2 
_ndb_struct_na_base_pair_step.j_label_asym_id_2 
_ndb_struct_na_base_pair_step.j_label_comp_id_2 
_ndb_struct_na_base_pair_step.j_label_seq_id_2 
_ndb_struct_na_base_pair_step.j_symmetry_2 
_ndb_struct_na_base_pair_step.shift 
_ndb_struct_na_base_pair_step.slide 
_ndb_struct_na_base_pair_step.rise 
_ndb_struct_na_base_pair_step.tilt 
_ndb_struct_na_base_pair_step.roll 
_ndb_struct_na_base_pair_step.twist 
_ndb_struct_na_base_pair_step.x_displacement 
_ndb_struct_na_base_pair_step.y_displacement 
_ndb_struct_na_base_pair_step.helical_rise 
_ndb_struct_na_base_pair_step.inclination 
_ndb_struct_na_base_pair_step.tip 
_ndb_struct_na_base_pair_step.helical_twist 
_ndb_struct_na_base_pair_step.step_number 
_ndb_struct_na_base_pair_step.step_name 
_ndb_struct_na_base_pair_step.i_auth_asym_id_1 
_ndb_struct_na_base_pair_step.i_auth_seq_id_1 
_ndb_struct_na_base_pair_step.i_PDB_ins_code_1 
_ndb_struct_na_base_pair_step.j_auth_asym_id_1 
_ndb_struct_na_base_pair_step.j_auth_seq_id_1 
_ndb_struct_na_base_pair_step.j_PDB_ins_code_1 
_ndb_struct_na_base_pair_step.i_auth_asym_id_2 
_ndb_struct_na_base_pair_step.i_auth_seq_id_2 
_ndb_struct_na_base_pair_step.i_PDB_ins_code_2 
_ndb_struct_na_base_pair_step.j_auth_asym_id_2 
_ndb_struct_na_base_pair_step.j_auth_seq_id_2 
_ndb_struct_na_base_pair_step.j_PDB_ins_code_2 
1 A DG 1  1_555 B DC 12 1_555 A DA 2  1_555 B DT 11 1_555 -0.300 0.358  3.798 -1.147 1.294  43.184 0.338  0.277  3.813 1.757  
1.558  43.217 1  AA_DG1DA2:DT23DC24_BB   A 1  ? B 24 ? A 2  ? B 23 ? 
1 A DA 2  1_555 B DT 11 1_555 A DC 3  1_555 B DG 10 1_555 0.122  -0.512 3.243 0.549  1.740  34.176 -1.141 -0.122 3.215 2.958  
-0.934 34.224 2  AA_DA2DC3:DG22DT23_BB   A 2  ? B 23 ? A 3  ? B 22 ? 
1 A DC 3  1_555 B DG 10 1_555 A DT 4  1_555 B DA 9  1_555 0.109  -0.922 3.288 -0.720 3.566  33.373 -2.175 -0.306 3.173 6.186  
1.250  33.565 3  AA_DC3DT4:DA21DG22_BB   A 3  ? B 22 ? A 4  ? B 21 ? 
1 A DT 4  1_555 B DA 9  1_555 A DG 5  1_555 B DC 8  1_555 0.221  -1.491 3.094 -1.346 4.575  29.504 -3.757 -0.683 2.823 8.911  
2.621  29.878 4  AA_DT4DG5:DC20DA21_BB   A 4  ? B 21 ? A 5  ? B 20 ? 
1 A DG 5  1_555 B DC 8  1_555 A DT 6  1_555 B DG 7  1_555 0.111  -0.918 3.435 1.441  -3.690 40.979 -0.881 0.008  3.503 -5.255 
-2.052 41.162 5  AA_DG5DT6:DG19DC20_BB   A 5  ? B 20 ? A 6  ? B 19 ? 
1 A DT 6  1_555 B DG 7  1_555 A DG 7  1_555 B DT 6  1_555 -0.117 -2.054 3.048 -0.051 1.549  20.020 -6.540 0.314  2.883 4.446  
0.145  20.080 6  AA_DT6DG7:DT18DG19_BB   A 6  ? B 19 ? A 7  ? B 18 ? 
1 A DG 7  1_555 B DT 6  1_555 A DC 8  1_555 B DG 5  1_555 -0.080 -0.841 3.418 -1.630 -2.548 41.554 -0.900 -0.069 3.462 -3.586 
2.294  41.660 7  AA_DG7DC8:DG17DT18_BB   A 7  ? B 18 ? A 8  ? B 17 ? 
1 A DC 8  1_555 B DG 5  1_555 A DA 9  1_555 B DT 4  1_555 -0.213 -1.340 3.095 1.540  6.204  29.808 -3.668 0.683  2.752 11.888 
-2.951 30.471 8  AA_DC8DA9:DT16DG17_BB   A 8  ? B 17 ? A 9  ? B 16 ? 
1 A DA 9  1_555 B DT 4  1_555 A DG 10 1_555 B DC 3  1_555 -0.418 -0.392 3.320 0.402  4.904  36.099 -1.312 0.725  3.236 7.869  
-0.645 36.422 9  AA_DA9DG10:DC15DT16_BB  A 9  ? B 16 ? A 10 ? B 15 ? 
1 A DG 10 1_555 B DC 3  1_555 A DT 11 1_555 B DA 2  1_555 -0.065 -0.242 3.277 -0.376 2.584  32.148 -0.894 0.050  3.249 4.657  
0.677  32.251 10 AA_DG10DT11:DA14DC15_BB A 10 ? B 15 ? A 11 ? B 14 ? 
1 A DT 11 1_555 B DA 2  1_555 A DC 12 1_555 B DG 1  1_555 0.416  0.580  3.785 1.658  3.440  44.379 0.396  -0.372 3.830 4.545  
-2.190 44.535 11 AA_DT11DC12:DG13DA14_BB A 11 ? B 14 ? A 12 ? B 13 ? 
# 
loop_
_pdbx_nmr_spectrometer.spectrometer_id 
_pdbx_nmr_spectrometer.model 
_pdbx_nmr_spectrometer.manufacturer 
_pdbx_nmr_spectrometer.field_strength 
_pdbx_nmr_spectrometer.type 
1 AVANCE Bruker 800 ? 
2 AVANCE Bruker 600 ? 
3 AVANCE Bruker 500 ? 
# 
_atom_sites.entry_id                    1X30 
_atom_sites.fract_transf_matrix[1][1]   1.000000 
_atom_sites.fract_transf_matrix[1][2]   0.000000 
_atom_sites.fract_transf_matrix[1][3]   0.000000 
_atom_sites.fract_transf_matrix[2][1]   0.000000 
_atom_sites.fract_transf_matrix[2][2]   1.000000 
_atom_sites.fract_transf_matrix[2][3]   0.000000 
_atom_sites.fract_transf_matrix[3][1]   0.000000 
_atom_sites.fract_transf_matrix[3][2]   0.000000 
_atom_sites.fract_transf_matrix[3][3]   1.000000 
_atom_sites.fract_transf_vector[1]      0.00000 
_atom_sites.fract_transf_vector[2]      0.00000 
_atom_sites.fract_transf_vector[3]      0.00000 
# 
loop_
_atom_type.symbol 
C 
H 
N 
O 
P 
# 
loop_
_atom_site.group_PDB 
_atom_site.id 
_atom_site.type_symbol 
_atom_site.label_atom_id 
_atom_site.label_alt_id 
_atom_site.label_comp_id 
_atom_site.label_asym_id 
_atom_site.label_entity_id 
_atom_site.label_seq_id 
_atom_site.pdbx_PDB_ins_code 
_atom_site.Cartn_x 
_atom_site.Cartn_y 
_atom_site.Cartn_z 
_atom_site.occupancy 
_atom_site.B_iso_or_equiv 
_atom_site.pdbx_formal_charge 
_atom_site.auth_seq_id 
_atom_site.auth_comp_id 
_atom_site.auth_asym_id 
_atom_site.auth_atom_id 
_atom_site.pdbx_PDB_model_num 
ATOM 1   O "O5'"  . DG A 1 1  ? 13.341  -3.094  -13.597 1.00 1.67 ? 1  DG A "O5'"  1 
ATOM 2   C "C5'"  . DG A 1 1  ? 14.668  -2.590  -13.586 1.00 1.67 ? 1  DG A "C5'"  1 
ATOM 3   C "C4'"  . DG A 1 1  ? 14.712  -1.234  -12.949 1.00 1.54 ? 1  DG A "C4'"  1 
ATOM 4   O "O4'"  . DG A 1 1  ? 13.908  -0.332  -13.740 1.00 1.46 ? 1  DG A "O4'"  1 
ATOM 5   C "C3'"  . DG A 1 1  ? 14.146  -1.163  -11.542 1.00 1.49 ? 1  DG A "C3'"  1 
ATOM 6   O "O3'"  . DG A 1 1  ? 14.922  -0.300  -10.733 1.00 1.44 ? 1  DG A "O3'"  1 
ATOM 7   C "C2'"  . DG A 1 1  ? 12.752  -0.638  -11.746 1.00 1.39 ? 1  DG A "C2'"  1 
ATOM 8   C "C1'"  . DG A 1 1  ? 12.943  0.277   -12.925 1.00 1.35 ? 1  DG A "C1'"  1 
ATOM 9   N N9     . DG A 1 1  ? 11.752  0.514   -13.714 1.00 1.32 ? 1  DG A N9     1 
ATOM 10  C C8     . DG A 1 1  ? 10.914  -0.420  -14.230 1.00 1.41 ? 1  DG A C8     1 
ATOM 11  N N7     . DG A 1 1  ? 9.927   0.092   -14.895 1.00 1.40 ? 1  DG A N7     1 
ATOM 12  C C5     . DG A 1 1  ? 10.125  1.448   -14.816 1.00 1.29 ? 1  DG A C5     1 
ATOM 13  C C6     . DG A 1 1  ? 9.374   2.515   -15.348 1.00 1.25 ? 1  DG A C6     1 
ATOM 14  O O6     . DG A 1 1  ? 8.349   2.474   -16.019 1.00 1.30 ? 1  DG A O6     1 
ATOM 15  N N1     . DG A 1 1  ? 9.928   3.731   -15.029 1.00 1.18 ? 1  DG A N1     1 
ATOM 16  C C2     . DG A 1 1  ? 11.059  3.899   -14.293 1.00 1.16 ? 1  DG A C2     1 
ATOM 17  N N2     . DG A 1 1  ? 11.437  5.152   -14.089 1.00 1.15 ? 1  DG A N2     1 
ATOM 18  N N3     . DG A 1 1  ? 11.767  2.913   -13.791 1.00 1.19 ? 1  DG A N3     1 
ATOM 19  C C4     . DG A 1 1  ? 11.247  1.724   -14.089 1.00 1.25 ? 1  DG A C4     1 
ATOM 20  H "H5'"  . DG A 1 1  ? 15.039  -2.520  -14.602 1.00 1.71 ? 1  DG A "H5'"  1 
ATOM 21  H "H5''" . DG A 1 1  ? 15.305  -3.260  -13.028 1.00 1.74 ? 1  DG A "H5''" 1 
ATOM 22  H "H4'"  . DG A 1 1  ? 15.752  -0.942  -12.883 1.00 1.57 ? 1  DG A "H4'"  1 
ATOM 23  H "H3'"  . DG A 1 1  ? 14.152  -2.134  -11.059 1.00 1.58 ? 1  DG A "H3'"  1 
ATOM 24  H "H2'"  . DG A 1 1  ? 12.059  -1.442  -11.959 1.00 1.46 ? 1  DG A "H2'"  1 
ATOM 25  H "H2''" . DG A 1 1  ? 12.404  -0.093  -10.878 1.00 1.31 ? 1  DG A "H2''" 1 
ATOM 26  H "H1'"  . DG A 1 1  ? 13.346  1.237   -12.620 1.00 1.28 ? 1  DG A "H1'"  1 
ATOM 27  H H8     . DG A 1 1  ? 11.056  -1.471  -14.095 1.00 1.50 ? 1  DG A H8     1 
ATOM 28  H H1     . DG A 1 1  ? 9.460   4.553   -15.367 1.00 1.17 ? 1  DG A H1     1 
ATOM 29  H H21    . DG A 1 1  ? 10.899  5.907   -14.472 1.00 1.15 ? 1  DG A H21    1 
ATOM 30  H H22    . DG A 1 1  ? 12.260  5.340   -13.556 1.00 1.18 ? 1  DG A H22    1 
ATOM 31  H "HO5'" . DG A 1 1  ? 13.150  -3.379  -13.821 1.00 2.00 ? 1  DG A "HO5'" 1 
ATOM 32  P P      . DA A 1 2  ? 14.485  -0.021  -9.222  1.00 1.37 ? 2  DA A P      1 
ATOM 33  O OP1    . DA A 1 2  ? 15.670  -0.167  -8.415  1.00 1.51 ? 2  DA A OP1    1 
ATOM 34  O OP2    . DA A 1 2  ? 13.303  -0.804  -8.890  1.00 1.48 ? 2  DA A OP2    1 
ATOM 35  O "O5'"  . DA A 1 2  ? 14.082  1.473   -9.211  1.00 1.11 ? 2  DA A "O5'"  1 
ATOM 36  C "C5'"  . DA A 1 2  ? 15.029  2.456   -9.479  1.00 1.03 ? 2  DA A "C5'"  1 
ATOM 37  C "C4'"  . DA A 1 2  ? 14.514  3.782   -9.028  1.00 0.96 ? 2  DA A "C4'"  1 
ATOM 38  O "O4'"  . DA A 1 2  ? 13.359  4.112   -9.816  1.00 0.88 ? 2  DA A "O4'"  1 
ATOM 39  C "C3'"  . DA A 1 2  ? 14.060  3.854   -7.581  1.00 0.96 ? 2  DA A "C3'"  1 
ATOM 40  O "O3'"  . DA A 1 2  ? 14.344  5.133   -7.033  1.00 1.02 ? 2  DA A "O3'"  1 
ATOM 41  C "C2'"  . DA A 1 2  ? 12.581  3.584   -7.660  1.00 0.86 ? 2  DA A "C2'"  1 
ATOM 42  C "C1'"  . DA A 1 2  ? 12.208  4.169   -9.004  1.00 0.81 ? 2  DA A "C1'"  1 
ATOM 43  N N9     . DA A 1 2  ? 11.132  3.458   -9.678  1.00 0.72 ? 2  DA A N9     1 
ATOM 44  C C8     . DA A 1 2  ? 10.967  2.102   -9.751  1.00 0.68 ? 2  DA A C8     1 
ATOM 45  N N7     . DA A 1 2  ? 9.920   1.735   -10.440 1.00 0.61 ? 2  DA A N7     1 
ATOM 46  C C5     . DA A 1 2  ? 9.350   2.932   -10.838 1.00 0.60 ? 2  DA A C5     1 
ATOM 47  C C6     . DA A 1 2  ? 8.210   3.226   -11.597 1.00 0.55 ? 2  DA A C6     1 
ATOM 48  N N6     . DA A 1 2  ? 7.413   2.297   -12.117 1.00 0.51 ? 2  DA A N6     1 
ATOM 49  N N1     . DA A 1 2  ? 7.913   4.524   -11.808 1.00 0.57 ? 2  DA A N1     1 
ATOM 50  C C2     . DA A 1 2  ? 8.717   5.456   -11.290 1.00 0.64 ? 2  DA A C2     1 
ATOM 51  N N3     . DA A 1 2  ? 9.818   5.303   -10.565 1.00 0.69 ? 2  DA A N3     1 
ATOM 52  C C4     . DA A 1 2  ? 10.083  4.003   -10.372 1.00 0.67 ? 2  DA A C4     1 
ATOM 53  H "H5'"  . DA A 1 2  ? 15.244  2.480   -10.539 1.00 1.02 ? 2  DA A "H5'"  1 
ATOM 54  H "H5''" . DA A 1 2  ? 15.929  2.240   -8.958  1.00 1.11 ? 2  DA A "H5''" 1 
ATOM 55  H "H4'"  . DA A 1 2  ? 15.316  4.492   -9.140  1.00 1.04 ? 2  DA A "H4'"  1 
ATOM 56  H "H3'"  . DA A 1 2  ? 14.578  3.123   -6.962  1.00 1.01 ? 2  DA A "H3'"  1 
ATOM 57  H "H2'"  . DA A 1 2  ? 12.371  2.523   -7.599  1.00 0.84 ? 2  DA A "H2'"  1 
ATOM 58  H "H2''" . DA A 1 2  ? 12.040  4.095   -6.872  1.00 0.86 ? 2  DA A "H2''" 1 
ATOM 59  H "H1'"  . DA A 1 2  ? 11.927  5.217   -8.920  1.00 0.82 ? 2  DA A "H1'"  1 
ATOM 60  H H8     . DA A 1 2  ? 11.631  1.404   -9.270  1.00 0.72 ? 2  DA A H8     1 
ATOM 61  H H61    . DA A 1 2  ? 6.607   2.571   -12.656 1.00 0.50 ? 2  DA A H61    1 
ATOM 62  H H62    . DA A 1 2  ? 7.617   1.321   -11.973 1.00 0.50 ? 2  DA A H62    1 
ATOM 63  H H2     . DA A 1 2  ? 8.427   6.486   -11.490 1.00 0.66 ? 2  DA A H2     1 
ATOM 64  P P      . DC A 1 3  ? 13.649  5.592   -5.662  1.00 1.03 ? 3  DC A P      1 
ATOM 65  O OP1    . DC A 1 3  ? 14.516  6.606   -5.026  1.00 1.13 ? 3  DC A OP1    1 
ATOM 66  O OP2    . DC A 1 3  ? 13.279  4.372   -4.909  1.00 1.01 ? 3  DC A OP2    1 
ATOM 67  O "O5'"  . DC A 1 3  ? 12.316  6.311   -6.140  1.00 0.94 ? 3  DC A "O5'"  1 
ATOM 68  C "C5'"  . DC A 1 3  ? 12.368  7.517   -6.890  1.00 0.96 ? 3  DC A "C5'"  1 
ATOM 69  C "C4'"  . DC A 1 3  ? 10.994  8.126   -7.005  1.00 0.89 ? 3  DC A "C4'"  1 
ATOM 70  O "O4'"  . DC A 1 3  ? 10.172  7.221   -7.784  1.00 0.81 ? 3  DC A "O4'"  1 
ATOM 71  C "C3'"  . DC A 1 3  ? 10.257  8.347   -5.692  1.00 0.90 ? 3  DC A "C3'"  1 
ATOM 72  O "O3'"  . DC A 1 3  ? 9.663   9.642   -5.667  1.00 0.92 ? 3  DC A "O3'"  1 
ATOM 73  C "C2'"  . DC A 1 3  ? 9.210   7.255   -5.663  1.00 0.83 ? 3  DC A "C2'"  1 
ATOM 74  C "C1'"  . DC A 1 3  ? 8.947   7.017   -7.131  1.00 0.76 ? 3  DC A "C1'"  1 
ATOM 75  N N1     . DC A 1 3  ? 8.451   5.678   -7.483  1.00 0.69 ? 3  DC A N1     1 
ATOM 76  C C2     . DC A 1 3  ? 7.299   5.576   -8.259  1.00 0.63 ? 3  DC A C2     1 
ATOM 77  O O2     . DC A 1 3  ? 6.723   6.612   -8.615  1.00 0.63 ? 3  DC A O2     1 
ATOM 78  N N3     . DC A 1 3  ? 6.841   4.354   -8.601  1.00 0.59 ? 3  DC A N3     1 
ATOM 79  C C4     . DC A 1 3  ? 7.488   3.262   -8.196  1.00 0.61 ? 3  DC A C4     1 
ATOM 80  N N4     . DC A 1 3  ? 7.006   2.077   -8.562  1.00 0.60 ? 3  DC A N4     1 
ATOM 81  C C5     . DC A 1 3  ? 8.659   3.337   -7.400  1.00 0.68 ? 3  DC A C5     1 
ATOM 82  C C6     . DC A 1 3  ? 9.101   4.552   -7.067  1.00 0.72 ? 3  DC A C6     1 
ATOM 83  H "H5'"  . DC A 1 3  ? 12.751  7.310   -7.886  1.00 0.95 ? 3  DC A "H5'"  1 
ATOM 84  H "H5''" . DC A 1 3  ? 13.024  8.227   -6.401  1.00 1.05 ? 3  DC A "H5''" 1 
ATOM 85  H "H4'"  . DC A 1 3  ? 11.109  9.106   -7.463  1.00 0.92 ? 3  DC A "H4'"  1 
ATOM 86  H "H3'"  . DC A 1 3  ? 10.930  8.294   -4.839  1.00 0.97 ? 3  DC A "H3'"  1 
ATOM 87  H "H2'"  . DC A 1 3  ? 9.579   6.365   -5.161  1.00 0.84 ? 3  DC A "H2'"  1 
ATOM 88  H "H2''" . DC A 1 3  ? 8.301   7.591   -5.171  1.00 0.82 ? 3  DC A "H2''" 1 
ATOM 89  H "H1'"  . DC A 1 3  ? 8.250   7.756   -7.527  1.00 0.74 ? 3  DC A "H1'"  1 
ATOM 90  H H41    . DC A 1 3  ? 6.177   2.025   -9.128  1.00 0.58 ? 3  DC A H41    1 
ATOM 91  H H42    . DC A 1 3  ? 7.472   1.233   -8.274  1.00 0.63 ? 3  DC A H42    1 
ATOM 92  H H5     . DC A 1 3  ? 9.178   2.438   -7.074  1.00 0.71 ? 3  DC A H5     1 
ATOM 93  H H6     . DC A 1 3  ? 9.992   4.640   -6.453  1.00 0.78 ? 3  DC A H6     1 
ATOM 94  P P      . DT A 1 4  ? 8.671   10.052  -4.474  1.00 0.93 ? 4  DT A P      1 
ATOM 95  O OP1    . DT A 1 4  ? 8.872   11.491  -4.180  1.00 0.99 ? 4  DT A OP1    1 
ATOM 96  O OP2    . DT A 1 4  ? 8.826   9.054   -3.387  1.00 0.96 ? 4  DT A OP2    1 
ATOM 97  O "O5'"  . DT A 1 4  ? 7.226   9.874   -5.110  1.00 0.83 ? 4  DT A "O5'"  1 
ATOM 98  C "C5'"  . DT A 1 4  ? 6.810   10.672  -6.211  1.00 0.81 ? 4  DT A "C5'"  1 
ATOM 99  C "C4'"  . DT A 1 4  ? 5.334   10.504  -6.454  1.00 0.72 ? 4  DT A "C4'"  1 
ATOM 100 O "O4'"  . DT A 1 4  ? 5.111   9.152   -6.938  1.00 0.67 ? 4  DT A "O4'"  1 
ATOM 101 C "C3'"  . DT A 1 4  ? 4.444   10.668  -5.229  1.00 0.75 ? 4  DT A "C3'"  1 
ATOM 102 O "O3'"  . DT A 1 4  ? 3.304   11.466  -5.538  1.00 0.71 ? 4  DT A "O3'"  1 
ATOM 103 C "C2'"  . DT A 1 4  ? 4.047   9.251   -4.865  1.00 0.72 ? 4  DT A "C2'"  1 
ATOM 104 C "C1'"  . DT A 1 4  ? 4.072   8.554   -6.203  1.00 0.65 ? 4  DT A "C1'"  1 
ATOM 105 N N1     . DT A 1 4  ? 4.315   7.103   -6.144  1.00 0.63 ? 4  DT A N1     1 
ATOM 106 C C2     . DT A 1 4  ? 3.422   6.263   -6.763  1.00 0.57 ? 4  DT A C2     1 
ATOM 107 O O2     . DT A 1 4  ? 2.432   6.660   -7.349  1.00 0.52 ? 4  DT A O2     1 
ATOM 108 N N3     . DT A 1 4  ? 3.733   4.932   -6.670  1.00 0.58 ? 4  DT A N3     1 
ATOM 109 C C4     . DT A 1 4  ? 4.816   4.372   -6.034  1.00 0.64 ? 4  DT A C4     1 
ATOM 110 O O4     . DT A 1 4  ? 4.971   3.155   -6.046  1.00 0.64 ? 4  DT A O4     1 
ATOM 111 C C5     . DT A 1 4  ? 5.705   5.310   -5.398  1.00 0.70 ? 4  DT A C5     1 
ATOM 112 C C7     . DT A 1 4  ? 6.897   4.787   -4.668  1.00 0.79 ? 4  DT A C7     1 
ATOM 113 C C6     . DT A 1 4  ? 5.414   6.614   -5.481  1.00 0.70 ? 4  DT A C6     1 
ATOM 114 H "H5'"  . DT A 1 4  ? 7.356   10.374  -7.101  1.00 0.79 ? 4  DT A "H5'"  1 
ATOM 115 H "H5''" . DT A 1 4  ? 7.014   11.718  -6.005  1.00 0.88 ? 4  DT A "H5''" 1 
ATOM 116 H "H4'"  . DT A 1 4  ? 5.031   11.275  -7.162  1.00 0.71 ? 4  DT A "H4'"  1 
ATOM 117 H "H3'"  . DT A 1 4  ? 4.966   11.172  -4.416  1.00 0.82 ? 4  DT A "H3'"  1 
ATOM 118 H "H2'"  . DT A 1 4  ? 4.748   8.811   -4.159  1.00 0.77 ? 4  DT A "H2'"  1 
ATOM 119 H "H2''" . DT A 1 4  ? 3.047   9.217   -4.441  1.00 0.72 ? 4  DT A "H2''" 1 
ATOM 120 H "H1'"  . DT A 1 4  ? 3.154   8.728   -6.758  1.00 0.60 ? 4  DT A "H1'"  1 
ATOM 121 H H3     . DT A 1 4  ? 3.099   4.292   -7.117  1.00 0.54 ? 4  DT A H3     1 
ATOM 122 H H71    . DT A 1 4  ? 7.259   4.791   -4.524  1.00 1.33 ? 4  DT A H71    1 
ATOM 123 H H72    . DT A 1 4  ? 7.186   4.548   -4.594  1.00 1.45 ? 4  DT A H72    1 
ATOM 124 H H73    . DT A 1 4  ? 7.118   4.643   -4.354  1.00 1.08 ? 4  DT A H73    1 
ATOM 125 H H6     . DT A 1 4  ? 6.078   7.324   -4.999  1.00 0.77 ? 4  DT A H6     1 
ATOM 126 P P      . DG A 1 5  ? 2.132   11.641  -4.457  1.00 0.74 ? 5  DG A P      1 
ATOM 127 O OP1    . DG A 1 5  ? 1.459   12.939  -4.711  1.00 0.75 ? 5  DG A OP1    1 
ATOM 128 O OP2    . DG A 1 5  ? 2.704   11.363  -3.118  1.00 0.82 ? 5  DG A OP2    1 
ATOM 129 O "O5'"  . DG A 1 5  ? 1.112   10.474  -4.809  1.00 0.67 ? 5  DG A "O5'"  1 
ATOM 130 C "C5'"  . DG A 1 5  ? 0.604   10.326  -6.127  1.00 0.60 ? 5  DG A "C5'"  1 
ATOM 131 C "C4'"  . DG A 1 5  ? -0.553  9.360   -6.138  1.00 0.57 ? 5  DG A "C4'"  1 
ATOM 132 O "O4'"  . DG A 1 5  ? -0.017  8.010   -6.238  1.00 0.54 ? 5  DG A "O4'"  1 
ATOM 133 C "C3'"  . DG A 1 5  ? -1.431  9.366   -4.889  1.00 0.62 ? 5  DG A "C3'"  1 
ATOM 134 O "O3'"  . DG A 1 5  ? -2.811  9.368   -5.243  1.00 0.62 ? 5  DG A "O3'"  1 
ATOM 135 C "C2'"  . DG A 1 5  ? -1.046  8.090   -4.163  1.00 0.62 ? 5  DG A "C2'"  1 
ATOM 136 C "C1'"  . DG A 1 5  ? -0.672  7.183   -5.310  1.00 0.56 ? 5  DG A "C1'"  1 
ATOM 137 N N9     . DG A 1 5  ? 0.205   6.070   -4.960  1.00 0.55 ? 5  DG A N9     1 
ATOM 138 C C8     . DG A 1 5  ? 1.412   6.135   -4.316  1.00 0.59 ? 5  DG A C8     1 
ATOM 139 N N7     . DG A 1 5  ? 1.973   4.971   -4.150  1.00 0.58 ? 5  DG A N7     1 
ATOM 140 C C5     . DG A 1 5  ? 1.076   4.077   -4.711  1.00 0.53 ? 5  DG A C5     1 
ATOM 141 C C6     . DG A 1 5  ? 1.140   2.667   -4.827  1.00 0.51 ? 5  DG A C6     1 
ATOM 142 O O6     . DG A 1 5  ? 2.031   1.901   -4.446  1.00 0.52 ? 5  DG A O6     1 
ATOM 143 N N1     . DG A 1 5  ? 0.017   2.159   -5.464  1.00 0.49 ? 5  DG A N1     1 
ATOM 144 C C2     . DG A 1 5  ? -1.033  2.910   -5.930  1.00 0.49 ? 5  DG A C2     1 
ATOM 145 N N2     . DG A 1 5  ? -2.029  2.236   -6.513  1.00 0.49 ? 5  DG A N2     1 
ATOM 146 N N3     . DG A 1 5  ? -1.103  4.226   -5.830  1.00 0.50 ? 5  DG A N3     1 
ATOM 147 C C4     . DG A 1 5  ? -0.022  4.740   -5.215  1.00 0.52 ? 5  DG A C4     1 
ATOM 148 H "H5'"  . DG A 1 5  ? 1.388   9.953   -6.782  1.00 0.58 ? 5  DG A "H5'"  1 
ATOM 149 H "H5''" . DG A 1 5  ? 0.262   11.290  -6.501  1.00 0.60 ? 5  DG A "H5''" 1 
ATOM 150 H "H4'"  . DG A 1 5  ? -1.198  9.632   -6.973  1.00 0.54 ? 5  DG A "H4'"  1 
ATOM 151 H "H3'"  . DG A 1 5  ? -1.260  10.256  -4.283  1.00 0.66 ? 5  DG A "H3'"  1 
ATOM 152 H "H2'"  . DG A 1 5  ? -0.213  8.257   -3.482  1.00 0.65 ? 5  DG A "H2'"  1 
ATOM 153 H "H2''" . DG A 1 5  ? -1.885  7.681   -3.604  1.00 0.64 ? 5  DG A "H2''" 1 
ATOM 154 H "H1'"  . DG A 1 5  ? -1.556  6.786   -5.810  1.00 0.54 ? 5  DG A "H1'"  1 
ATOM 155 H H8     . DG A 1 5  ? 1.849   7.058   -3.971  1.00 0.64 ? 5  DG A H8     1 
ATOM 156 H H1     . DG A 1 5  ? -0.029  1.159   -5.592  1.00 0.48 ? 5  DG A H1     1 
ATOM 157 H H21    . DG A 1 5  ? -1.979  1.231   -6.590  1.00 0.50 ? 5  DG A H21    1 
ATOM 158 H H22    . DG A 1 5  ? -2.830  2.732   -6.875  1.00 0.50 ? 5  DG A H22    1 
ATOM 159 P P      . DT A 1 6  ? -3.928  9.093   -4.121  1.00 0.66 ? 6  DT A P      1 
ATOM 160 O OP1    . DT A 1 6  ? -5.164  9.790   -4.553  1.00 0.67 ? 6  DT A OP1    1 
ATOM 161 O OP2    . DT A 1 6  ? -3.350  9.389   -2.788  1.00 0.71 ? 6  DT A OP2    1 
ATOM 162 O "O5'"  . DT A 1 6  ? -4.184  7.525   -4.220  1.00 0.66 ? 6  DT A "O5'"  1 
ATOM 163 C "C5'"  . DT A 1 6  ? -4.692  6.947   -5.416  1.00 0.65 ? 6  DT A "C5'"  1 
ATOM 164 C "C4'"  . DT A 1 6  ? -5.090  5.509   -5.179  1.00 0.66 ? 6  DT A "C4'"  1 
ATOM 165 O "O4'"  . DT A 1 6  ? -3.892  4.770   -4.817  1.00 0.65 ? 6  DT A "O4'"  1 
ATOM 166 C "C3'"  . DT A 1 6  ? -6.093  5.274   -4.052  1.00 0.69 ? 6  DT A "C3'"  1 
ATOM 167 O "O3'"  . DT A 1 6  ? -7.138  4.410   -4.492  1.00 0.71 ? 6  DT A "O3'"  1 
ATOM 168 C "C2'"  . DT A 1 6  ? -5.280  4.625   -2.946  1.00 0.69 ? 6  DT A "C2'"  1 
ATOM 169 C "C1'"  . DT A 1 6  ? -4.160  3.948   -3.707  1.00 0.66 ? 6  DT A "C1'"  1 
ATOM 170 N N1     . DT A 1 6  ? -2.902  3.756   -2.950  1.00 0.65 ? 6  DT A N1     1 
ATOM 171 C C2     . DT A 1 6  ? -2.414  2.472   -2.850  1.00 0.64 ? 6  DT A C2     1 
ATOM 172 O O2     . DT A 1 6  ? -2.978  1.506   -3.332  1.00 0.64 ? 6  DT A O2     1 
ATOM 173 N N3     . DT A 1 6  ? -1.237  2.359   -2.159  1.00 0.64 ? 6  DT A N3     1 
ATOM 174 C C4     . DT A 1 6  ? -0.515  3.373   -1.572  1.00 0.65 ? 6  DT A C4     1 
ATOM 175 O O4     . DT A 1 6  ? 0.536   3.118   -0.993  1.00 0.65 ? 6  DT A O4     1 
ATOM 176 C C5     . DT A 1 6  ? -1.085  4.694   -1.706  1.00 0.66 ? 6  DT A C5     1 
ATOM 177 C C7     . DT A 1 6  ? -0.361  5.857   -1.107  1.00 0.69 ? 6  DT A C7     1 
ATOM 178 C C6     . DT A 1 6  ? -2.237  4.824   -2.375  1.00 0.66 ? 6  DT A C6     1 
ATOM 179 H "H5'"  . DT A 1 6  ? -3.931  6.983   -6.192  1.00 0.63 ? 6  DT A "H5'"  1 
ATOM 180 H "H5''" . DT A 1 6  ? -5.564  7.503   -5.752  1.00 0.66 ? 6  DT A "H5''" 1 
ATOM 181 H "H4'"  . DT A 1 6  ? -5.561  5.148   -6.092  1.00 0.66 ? 6  DT A "H4'"  1 
ATOM 182 H "H3'"  . DT A 1 6  ? -6.566  6.204   -3.731  1.00 0.71 ? 6  DT A "H3'"  1 
ATOM 183 H "H2'"  . DT A 1 6  ? -4.911  5.364   -2.238  1.00 0.70 ? 6  DT A "H2'"  1 
ATOM 184 H "H2''" . DT A 1 6  ? -5.866  3.875   -2.410  1.00 0.72 ? 6  DT A "H2''" 1 
ATOM 185 H "H1'"  . DT A 1 6  ? -4.478  2.977   -4.099  1.00 0.66 ? 6  DT A "H1'"  1 
ATOM 186 H H3     . DT A 1 6  ? -0.855  1.431   -2.069  1.00 0.64 ? 6  DT A H3     1 
ATOM 187 H H71    . DT A 1 6  ? -0.393  6.160   -0.772  1.00 1.18 ? 6  DT A H71    1 
ATOM 188 H H72    . DT A 1 6  ? 0.043   5.982   -0.905  1.00 1.11 ? 6  DT A H72    1 
ATOM 189 H H73    . DT A 1 6  ? -0.204  6.277   -1.208  1.00 1.32 ? 6  DT A H73    1 
ATOM 190 H H6     . DT A 1 6  ? -2.672  5.822   -2.460  1.00 0.68 ? 6  DT A H6     1 
ATOM 191 P P      . DG A 1 7  ? -8.269  3.925   -3.458  1.00 0.75 ? 7  DG A P      1 
ATOM 192 O OP1    . DG A 1 7  ? -9.582  4.018   -4.140  1.00 0.79 ? 7  DG A OP1    1 
ATOM 193 O OP2    . DG A 1 7  ? -8.063  4.637   -2.174  1.00 0.77 ? 7  DG A OP2    1 
ATOM 194 O "O5'"  . DG A 1 7  ? -7.938  2.385   -3.230  1.00 0.73 ? 7  DG A "O5'"  1 
ATOM 195 C "C5'"  . DG A 1 7  ? -7.810  1.503   -4.324  1.00 0.73 ? 7  DG A "C5'"  1 
ATOM 196 C "C4'"  . DG A 1 7  ? -7.793  0.068   -3.852  1.00 0.74 ? 7  DG A "C4'"  1 
ATOM 197 O "O4'"  . DG A 1 7  ? -6.452  -0.238  -3.382  1.00 0.71 ? 7  DG A "O4'"  1 
ATOM 198 C "C3'"  . DG A 1 7  ? -8.730  -0.256  -2.690  1.00 0.74 ? 7  DG A "C3'"  1 
ATOM 199 O "O3'"  . DG A 1 7  ? -9.437  -1.468  -2.940  1.00 0.77 ? 7  DG A "O3'"  1 
ATOM 200 C "C2'"  . DG A 1 7  ? -7.805  -0.388  -1.495  1.00 0.72 ? 7  DG A "C2'"  1 
ATOM 201 C "C1'"  . DG A 1 7  ? -6.529  -0.881  -2.132  1.00 0.71 ? 7  DG A "C1'"  1 
ATOM 202 N N9     . DG A 1 7  ? -5.313  -0.592  -1.382  1.00 0.69 ? 7  DG A N9     1 
ATOM 203 C C8     . DG A 1 7  ? -4.870  0.636   -0.959  1.00 0.68 ? 7  DG A C8     1 
ATOM 204 N N7     . DG A 1 7  ? -3.738  0.582   -0.317  1.00 0.67 ? 7  DG A N7     1 
ATOM 205 C C5     . DG A 1 7  ? -3.413  -0.767  -0.310  1.00 0.67 ? 7  DG A C5     1 
ATOM 206 C C6     . DG A 1 7  ? -2.295  -1.439  0.242   1.00 0.67 ? 7  DG A C6     1 
ATOM 207 O O6     . DG A 1 7  ? -1.335  -0.960  0.855   1.00 0.68 ? 7  DG A O6     1 
ATOM 208 N N1     . DG A 1 7  ? -2.364  -2.810  0.024   1.00 0.68 ? 7  DG A N1     1 
ATOM 209 C C2     . DG A 1 7  ? -3.378  -3.453  -0.640  1.00 0.69 ? 7  DG A C2     1 
ATOM 210 N N2     . DG A 1 7  ? -3.266  -4.785  -0.745  1.00 0.71 ? 7  DG A N2     1 
ATOM 211 N N3     . DG A 1 7  ? -4.423  -2.838  -1.160  1.00 0.69 ? 7  DG A N3     1 
ATOM 212 C C4     . DG A 1 7  ? -4.378  -1.505  -0.960  1.00 0.68 ? 7  DG A C4     1 
ATOM 213 H "H5'"  . DG A 1 7  ? -6.894  1.715   -4.852  1.00 0.73 ? 7  DG A "H5'"  1 
ATOM 214 H "H5''" . DG A 1 7  ? -8.640  1.641   -4.999  1.00 0.78 ? 7  DG A "H5''" 1 
ATOM 215 H "H4'"  . DG A 1 7  ? -8.111  -0.554  -4.688  1.00 0.76 ? 7  DG A "H4'"  1 
ATOM 216 H "H3'"  . DG A 1 7  ? -9.480  0.525   -2.550  1.00 0.75 ? 7  DG A "H3'"  1 
ATOM 217 H "H2'"  . DG A 1 7  ? -7.671  0.565   -0.989  1.00 0.71 ? 7  DG A "H2'"  1 
ATOM 218 H "H2''" . DG A 1 7  ? -8.175  -1.124  -0.782  1.00 0.73 ? 7  DG A "H2''" 1 
ATOM 219 H "H1'"  . DG A 1 7  ? -6.568  -1.953  -2.326  1.00 0.72 ? 7  DG A "H1'"  1 
ATOM 220 H H8     . DG A 1 7  ? -5.410  1.554   -1.133  1.00 0.68 ? 7  DG A H8     1 
ATOM 221 H H1     . DG A 1 7  ? -1.610  -3.380  0.380   1.00 0.69 ? 7  DG A H1     1 
ATOM 222 H H21    . DG A 1 7  ? -2.468  -5.257  -0.350  1.00 0.71 ? 7  DG A H21    1 
ATOM 223 H H22    . DG A 1 7  ? -3.981  -5.314  -1.220  1.00 0.72 ? 7  DG A H22    1 
ATOM 224 P P      . DC A 1 8  ? -10.262 -2.177  -1.756  1.00 0.79 ? 8  DC A P      1 
ATOM 225 O OP1    . DC A 1 8  ? -11.339 -2.992  -2.369  1.00 0.83 ? 8  DC A OP1    1 
ATOM 226 O OP2    . DC A 1 8  ? -10.610 -1.138  -0.757  1.00 0.79 ? 8  DC A OP2    1 
ATOM 227 O "O5'"  . DC A 1 8  ? -9.202  -3.167  -1.098  1.00 0.75 ? 8  DC A "O5'"  1 
ATOM 228 C "C5'"  . DC A 1 8  ? -8.560  -4.172  -1.876  1.00 0.76 ? 8  DC A "C5'"  1 
ATOM 229 C "C4'"  . DC A 1 8  ? -7.826  -5.142  -0.983  1.00 0.72 ? 8  DC A "C4'"  1 
ATOM 230 O "O4'"  . DC A 1 8  ? -6.679  -4.453  -0.421  1.00 0.69 ? 8  DC A "O4'"  1 
ATOM 231 C "C3'"  . DC A 1 8  ? -8.623  -5.680  0.201   1.00 0.72 ? 8  DC A "C3'"  1 
ATOM 232 O "O3'"  . DC A 1 8  ? -8.471  -7.094  0.309   1.00 0.72 ? 8  DC A "O3'"  1 
ATOM 233 C "C2'"  . DC A 1 8  ? -8.028  -4.977  1.407   1.00 0.68 ? 8  DC A "C2'"  1 
ATOM 234 C "C1'"  . DC A 1 8  ? -6.609  -4.708  0.960   1.00 0.66 ? 8  DC A "C1'"  1 
ATOM 235 N N1     . DC A 1 8  ? -5.931  -3.574  1.612   1.00 0.64 ? 8  DC A N1     1 
ATOM 236 C C2     . DC A 1 8  ? -4.748  -3.818  2.315   1.00 0.62 ? 8  DC A C2     1 
ATOM 237 O O2     . DC A 1 8  ? -4.320  -4.980  2.388   1.00 0.61 ? 8  DC A O2     1 
ATOM 238 N N3     . DC A 1 8  ? -4.103  -2.785  2.898   1.00 0.62 ? 8  DC A N3     1 
ATOM 239 C C4     . DC A 1 8  ? -4.598  -1.549  2.800   1.00 0.63 ? 8  DC A C4     1 
ATOM 240 N N4     . DC A 1 8  ? -3.923  -0.559  3.382   1.00 0.64 ? 8  DC A N4     1 
ATOM 241 C C5     . DC A 1 8  ? -5.804  -1.273  2.100   1.00 0.65 ? 8  DC A C5     1 
ATOM 242 C C6     . DC A 1 8  ? -6.434  -2.304  1.528   1.00 0.65 ? 8  DC A C6     1 
ATOM 243 H "H5'"  . DC A 1 8  ? -7.852  -3.707  -2.559  1.00 0.77 ? 8  DC A "H5'"  1 
ATOM 244 H "H5''" . DC A 1 8  ? -9.301  -4.716  -2.454  1.00 0.81 ? 8  DC A "H5''" 1 
ATOM 245 H "H4'"  . DC A 1 8  ? -7.555  -6.005  -1.592  1.00 0.74 ? 8  DC A "H4'"  1 
ATOM 246 H "H3'"  . DC A 1 8  ? -9.691  -5.484  0.092   1.00 0.75 ? 8  DC A "H3'"  1 
ATOM 247 H "H2'"  . DC A 1 8  ? -8.568  -4.064  1.644   1.00 0.69 ? 8  DC A "H2'"  1 
ATOM 248 H "H2''" . DC A 1 8  ? -8.016  -5.626  2.280   1.00 0.68 ? 8  DC A "H2''" 1 
ATOM 249 H "H1'"  . DC A 1 8  ? -5.987  -5.595  1.085   1.00 0.65 ? 8  DC A "H1'"  1 
ATOM 250 H H41    . DC A 1 8  ? -3.066  -0.756  3.877   1.00 0.64 ? 8  DC A H41    1 
ATOM 251 H H42    . DC A 1 8  ? -4.268  0.388   3.326   1.00 0.66 ? 8  DC A H42    1 
ATOM 252 H H5     . DC A 1 8  ? -6.199  -0.259  2.030   1.00 0.66 ? 8  DC A H5     1 
ATOM 253 H H6     . DC A 1 8  ? -7.362  -2.124  0.990   1.00 0.67 ? 8  DC A H6     1 
ATOM 254 P P      . DA A 1 9  ? -9.139  -7.879  1.541   1.00 0.73 ? 9  DA A P      1 
ATOM 255 O OP1    . DA A 1 9  ? -9.434  -9.264  1.102   1.00 0.77 ? 9  DA A OP1    1 
ATOM 256 O OP2    . DA A 1 9  ? -10.231 -7.034  2.076   1.00 0.76 ? 9  DA A OP2    1 
ATOM 257 O "O5'"  . DA A 1 9  ? -7.984  -7.941  2.631   1.00 0.67 ? 9  DA A "O5'"  1 
ATOM 258 C "C5'"  . DA A 1 9  ? -6.774  -8.641  2.378   1.00 0.64 ? 9  DA A "C5'"  1 
ATOM 259 C "C4'"  . DA A 1 9  ? -6.072  -8.955  3.674   1.00 0.59 ? 9  DA A "C4'"  1 
ATOM 260 O "O4'"  . DA A 1 9  ? -5.305  -7.787  4.074   1.00 0.59 ? 9  DA A "O4'"  1 
ATOM 261 C "C3'"  . DA A 1 9  ? -6.989  -9.268  4.851   1.00 0.58 ? 9  DA A "C3'"  1 
ATOM 262 O "O3'"  . DA A 1 9  ? -6.475  -10.359 5.610   1.00 0.57 ? 9  DA A "O3'"  1 
ATOM 263 C "C2'"  . DA A 1 9  ? -7.001  -7.978  5.647   1.00 0.56 ? 9  DA A "C2'"  1 
ATOM 264 C "C1'"  . DA A 1 9  ? -5.607  -7.458  5.406   1.00 0.56 ? 9  DA A "C1'"  1 
ATOM 265 N N9     . DA A 1 9  ? -5.464  -6.018  5.585   1.00 0.52 ? 9  DA A N9     1 
ATOM 266 C C8     . DA A 1 9  ? -6.313  -5.046  5.133   1.00 0.51 ? 9  DA A C8     1 
ATOM 267 N N7     . DA A 1 9  ? -5.926  -3.831  5.417   1.00 0.50 ? 9  DA A N7     1 
ATOM 268 C C5     . DA A 1 9  ? -4.747  -4.017  6.120   1.00 0.51 ? 9  DA A C5     1 
ATOM 269 C C6     . DA A 1 9  ? -3.846  -3.118  6.705   1.00 0.53 ? 9  DA A C6     1 
ATOM 270 N N6     . DA A 1 9  ? -3.993  -1.795  6.666   1.00 0.54 ? 9  DA A N6     1 
ATOM 271 N N1     . DA A 1 9  ? -2.771  -3.632  7.339   1.00 0.55 ? 9  DA A N1     1 
ATOM 272 C C2     . DA A 1 9  ? -2.620  -4.959  7.372   1.00 0.55 ? 9  DA A C2     1 
ATOM 273 N N3     . DA A 1 9  ? -3.393  -5.905  6.855   1.00 0.54 ? 9  DA A N3     1 
ATOM 274 C C4     . DA A 1 9  ? -4.453  -5.361  6.235   1.00 0.52 ? 9  DA A C4     1 
ATOM 275 H "H5'"  . DA A 1 9  ? -6.125  -8.032  1.756   1.00 0.65 ? 9  DA A "H5'"  1 
ATOM 276 H "H5''" . DA A 1 9  ? -6.986  -9.569  1.861   1.00 0.68 ? 9  DA A "H5''" 1 
ATOM 277 H "H4'"  . DA A 1 9  ? -5.462  -9.840  3.509   1.00 0.58 ? 9  DA A "H4'"  1 
ATOM 278 H "H3'"  . DA A 1 9  ? -7.986  -9.557  4.518   1.00 0.61 ? 9  DA A "H3'"  1 
ATOM 279 H "H2'"  . DA A 1 9  ? -7.764  -7.294  5.281   1.00 0.58 ? 9  DA A "H2'"  1 
ATOM 280 H "H2''" . DA A 1 9  ? -7.168  -8.159  6.703   1.00 0.57 ? 9  DA A "H2''" 1 
ATOM 281 H "H1'"  . DA A 1 9  ? -4.873  -7.962  6.033   1.00 0.58 ? 9  DA A "H1'"  1 
ATOM 282 H H8     . DA A 1 9  ? -7.230  -5.267  4.612   1.00 0.52 ? 9  DA A H8     1 
ATOM 283 H H61    . DA A 1 9  ? -3.308  -1.199  7.103   1.00 0.57 ? 9  DA A H61    1 
ATOM 284 H H62    . DA A 1 9  ? -4.788  -1.388  6.195   1.00 0.52 ? 9  DA A H62    1 
ATOM 285 H H2     . DA A 1 9  ? -1.738  -5.317  7.901   1.00 0.58 ? 9  DA A H2     1 
ATOM 286 P P      . DG A 1 10 ? -7.209  -10.813 6.963   1.00 0.54 ? 10 DG A P      1 
ATOM 287 O OP1    . DG A 1 10 ? -7.308  -12.284 6.923   1.00 0.54 ? 10 DG A OP1    1 
ATOM 288 O OP2    . DG A 1 10 ? -8.433  -10.004 7.150   1.00 0.62 ? 10 DG A OP2    1 
ATOM 289 O "O5'"  . DG A 1 10 ? -6.183  -10.428 8.104   1.00 0.51 ? 10 DG A "O5'"  1 
ATOM 290 C "C5'"  . DG A 1 10 ? -4.789  -10.574 7.899   1.00 0.53 ? 10 DG A "C5'"  1 
ATOM 291 C "C4'"  . DG A 1 10 ? -4.084  -10.677 9.207   1.00 0.58 ? 10 DG A "C4'"  1 
ATOM 292 O "O4'"  . DG A 1 10 ? -3.577  -9.385  9.541   1.00 0.76 ? 10 DG A "O4'"  1 
ATOM 293 C "C3'"  . DG A 1 10 ? -4.931  -11.103 10.390  1.00 0.59 ? 10 DG A "C3'"  1 
ATOM 294 O "O3'"  . DG A 1 10 ? -4.207  -12.012 11.204  1.00 0.68 ? 10 DG A "O3'"  1 
ATOM 295 C "C2'"  . DG A 1 10 ? -5.247  -9.817  11.130  1.00 0.63 ? 10 DG A "C2'"  1 
ATOM 296 C "C1'"  . DG A 1 10 ? -4.241  -8.815  10.620  1.00 0.64 ? 10 DG A "C1'"  1 
ATOM 297 N N9     . DG A 1 10 ? -4.784  -7.543  10.192  1.00 0.54 ? 10 DG A N9     1 
ATOM 298 C C8     . DG A 1 10 ? -5.889  -7.327  9.419   1.00 0.57 ? 10 DG A C8     1 
ATOM 299 N N7     . DG A 1 10 ? -6.118  -6.073  9.199   1.00 0.55 ? 10 DG A N7     1 
ATOM 300 C C5     . DG A 1 10 ? -5.104  -5.418  9.869   1.00 0.48 ? 10 DG A C5     1 
ATOM 301 C C6     . DG A 1 10 ? -4.831  -4.042  9.993   1.00 0.50 ? 10 DG A C6     1 
ATOM 302 O O6     . DG A 1 10 ? -5.452  -3.097  9.518   1.00 0.59 ? 10 DG A O6     1 
ATOM 303 N N1     . DG A 1 10 ? -3.706  -3.811  10.763  1.00 0.49 ? 10 DG A N1     1 
ATOM 304 C C2     . DG A 1 10 ? -2.942  -4.779  11.339  1.00 0.47 ? 10 DG A C2     1 
ATOM 305 N N2     . DG A 1 10 ? -1.894  -4.358  12.048  1.00 0.53 ? 10 DG A N2     1 
ATOM 306 N N3     . DG A 1 10 ? -3.185  -6.064  11.231  1.00 0.48 ? 10 DG A N3     1 
ATOM 307 C C4     . DG A 1 10 ? -4.273  -6.311  10.489  1.00 0.47 ? 10 DG A C4     1 
ATOM 308 H "H5'"  . DG A 1 10 ? -4.408  -9.728  7.360   1.00 0.67 ? 10 DG A "H5'"  1 
ATOM 309 H "H5''" . DG A 1 10 ? -4.586  -11.461 7.327   1.00 0.48 ? 10 DG A "H5''" 1 
ATOM 310 H "H4'"  . DG A 1 10 ? -3.311  -11.421 9.085   1.00 0.60 ? 10 DG A "H4'"  1 
ATOM 311 H "H3'"  . DG A 1 10 ? -5.827  -11.621 10.071  1.00 0.54 ? 10 DG A "H3'"  1 
ATOM 312 H "H2'"  . DG A 1 10 ? -6.264  -9.496  10.963  1.00 0.64 ? 10 DG A "H2'"  1 
ATOM 313 H "H2''" . DG A 1 10 ? -5.080  -9.923  12.199  1.00 0.68 ? 10 DG A "H2''" 1 
ATOM 314 H "H1'"  . DG A 1 10 ? -3.502  -8.612  11.365  1.00 0.72 ? 10 DG A "H1'"  1 
ATOM 315 H H8     . DG A 1 10 ? -6.512  -8.115  9.037   1.00 0.65 ? 10 DG A H8     1 
ATOM 316 H H1     . DG A 1 10 ? -3.430  -2.856  10.909  1.00 0.54 ? 10 DG A H1     1 
ATOM 317 H H21    . DG A 1 10 ? -1.706  -3.376  12.134  1.00 0.57 ? 10 DG A H21    1 
ATOM 318 H H22    . DG A 1 10 ? -1.293  -5.022  12.498  1.00 0.57 ? 10 DG A H22    1 
ATOM 319 P P      . DT A 1 11 ? -4.701  -12.309 12.696  1.00 0.78 ? 11 DT A P      1 
ATOM 320 O OP1    . DT A 1 11 ? -3.953  -13.491 13.181  1.00 0.85 ? 11 DT A OP1    1 
ATOM 321 O OP2    . DT A 1 11 ? -6.178  -12.322 12.708  1.00 0.77 ? 11 DT A OP2    1 
ATOM 322 O "O5'"  . DT A 1 11 ? -4.213  -11.038 13.513  1.00 0.85 ? 11 DT A "O5'"  1 
ATOM 323 C "C5'"  . DT A 1 11 ? -2.841  -10.719 13.594  1.00 0.96 ? 11 DT A "C5'"  1 
ATOM 324 C "C4'"  . DT A 1 11 ? -2.620  -9.627  14.604  1.00 1.04 ? 11 DT A "C4'"  1 
ATOM 325 O "O4'"  . DT A 1 11 ? -3.076  -8.381  14.025  1.00 0.94 ? 11 DT A "O4'"  1 
ATOM 326 C "C3'"  . DT A 1 11 ? -3.372  -9.787  15.909  1.00 1.10 ? 11 DT A "C3'"  1 
ATOM 327 O "O3'"  . DT A 1 11 ? -2.525  -9.539  17.016  1.00 1.26 ? 11 DT A "O3'"  1 
ATOM 328 C "C2'"  . DT A 1 11 ? -4.473  -8.755  15.839  1.00 1.01 ? 11 DT A "C2'"  1 
ATOM 329 C "C1'"  . DT A 1 11 ? -3.899  -7.701  14.929  1.00 0.95 ? 11 DT A "C1'"  1 
ATOM 330 N N1     . DT A 1 11 ? -4.884  -6.920  14.173  1.00 0.82 ? 11 DT A N1     1 
ATOM 331 C C2     . DT A 1 11 ? -4.773  -5.554  14.203  1.00 0.76 ? 11 DT A C2     1 
ATOM 332 O O2     . DT A 1 11 ? -3.914  -4.964  14.832  1.00 0.80 ? 11 DT A O2     1 
ATOM 333 N N3     . DT A 1 11 ? -5.710  -4.900  13.466  1.00 0.68 ? 11 DT A N3     1 
ATOM 334 C C4     . DT A 1 11 ? -6.725  -5.460  12.724  1.00 0.65 ? 11 DT A C4     1 
ATOM 335 O O4     . DT A 1 11 ? -7.484  -4.743  12.097  1.00 0.62 ? 11 DT A O4     1 
ATOM 336 C C5     . DT A 1 11 ? -6.791  -6.894  12.746  1.00 0.70 ? 11 DT A C5     1 
ATOM 337 C C7     . DT A 1 11 ? -7.875  -7.585  11.986  1.00 0.68 ? 11 DT A C7     1 
ATOM 338 C C6     . DT A 1 11 ? -5.879  -7.550  13.460  1.00 0.79 ? 11 DT A C6     1 
ATOM 339 H "H5'"  . DT A 1 11 ? -2.487  -10.384 12.630  1.00 0.93 ? 11 DT A "H5'"  1 
ATOM 340 H "H5''" . DT A 1 11 ? -2.279  -11.599 13.886  1.00 1.04 ? 11 DT A "H5''" 1 
ATOM 341 H "H4'"  . DT A 1 11 ? -1.568  -9.628  14.852  1.00 1.15 ? 11 DT A "H4'"  1 
ATOM 342 H "H3'"  . DT A 1 11 ? -3.753  -10.799 16.027  1.00 1.11 ? 11 DT A "H3'"  1 
ATOM 343 H "H2'"  . DT A 1 11 ? -5.383  -9.185  15.446  1.00 0.94 ? 11 DT A "H2'"  1 
ATOM 344 H "H2''" . DT A 1 11 ? -4.674  -8.320  16.809  1.00 1.09 ? 11 DT A "H2''" 1 
ATOM 345 H "H1'"  . DT A 1 11 ? -3.270  -7.005  15.471  1.00 1.04 ? 11 DT A "H1'"  1 
ATOM 346 H H3     . DT A 1 11 ? -5.647  -3.898  13.464  1.00 0.66 ? 11 DT A H3     1 
ATOM 347 H H71    . DT A 1 11 ? -8.039  -7.686  11.676  1.00 1.28 ? 11 DT A H71    1 
ATOM 348 H H72    . DT A 1 11 ? -8.101  -7.904  11.871  1.00 1.11 ? 11 DT A H72    1 
ATOM 349 H H73    . DT A 1 11 ? -8.277  -7.667  11.860  1.00 1.26 ? 11 DT A H73    1 
ATOM 350 H H6     . DT A 1 11 ? -5.927  -8.632  13.477  1.00 0.86 ? 11 DT A H6     1 
ATOM 351 P P      . DC A 1 12 ? -3.118  -9.590  18.497  1.00 1.38 ? 12 DC A P      1 
ATOM 352 O OP1    . DC A 1 12 ? -2.054  -10.102 19.369  1.00 1.56 ? 12 DC A OP1    1 
ATOM 353 O OP2    . DC A 1 12 ? -4.415  -10.279 18.463  1.00 1.33 ? 12 DC A OP2    1 
ATOM 354 O "O5'"  . DC A 1 12 ? -3.369  -8.069  18.870  1.00 1.38 ? 12 DC A "O5'"  1 
ATOM 355 C "C5'"  . DC A 1 12 ? -2.435  -7.067  18.532  1.00 1.40 ? 12 DC A "C5'"  1 
ATOM 356 C "C4'"  . DC A 1 12 ? -2.395  -6.024  19.586  1.00 1.55 ? 12 DC A "C4'"  1 
ATOM 357 O "O4'"  . DC A 1 12 ? -3.093  -4.890  19.111  1.00 1.44 ? 12 DC A "O4'"  1 
ATOM 358 C "C3'"  . DC A 1 12 ? -3.031  -6.376  20.905  1.00 1.68 ? 12 DC A "C3'"  1 
ATOM 359 O "O3'"  . DC A 1 12 ? -2.185  -6.121  21.975  1.00 1.95 ? 12 DC A "O3'"  1 
ATOM 360 C "C2'"  . DC A 1 12 ? -4.217  -5.479  21.046  1.00 1.59 ? 12 DC A "C2'"  1 
ATOM 361 C "C1'"  . DC A 1 12 ? -4.304  -4.724  19.753  1.00 1.45 ? 12 DC A "C1'"  1 
ATOM 362 N N1     . DC A 1 12 ? -5.362  -5.127  18.844  1.00 1.34 ? 12 DC A N1     1 
ATOM 363 C C2     . DC A 1 12 ? -6.050  -4.131  18.188  1.00 1.25 ? 12 DC A C2     1 
ATOM 364 O O2     . DC A 1 12 ? -5.751  -2.952  18.394  1.00 1.24 ? 12 DC A O2     1 
ATOM 365 N N3     . DC A 1 12 ? -7.019  -4.475  17.348  1.00 1.23 ? 12 DC A N3     1 
ATOM 366 C C4     . DC A 1 12 ? -7.313  -5.755  17.152  1.00 1.27 ? 12 DC A C4     1 
ATOM 367 N N4     . DC A 1 12 ? -8.276  -6.049  16.314  1.00 1.31 ? 12 DC A N4     1 
ATOM 368 C C5     . DC A 1 12 ? -6.632  -6.792  17.806  1.00 1.33 ? 12 DC A C5     1 
ATOM 369 C C6     . DC A 1 12 ? -5.672  -6.438  18.636  1.00 1.37 ? 12 DC A C6     1 
ATOM 370 H "H5'"  . DC A 1 12 ? -2.701  -6.608  17.604  1.00 1.29 ? 12 DC A "H5'"  1 
ATOM 371 H "H5''" . DC A 1 12 ? -1.464  -7.499  18.429  1.00 1.46 ? 12 DC A "H5''" 1 
ATOM 372 H "H4'"  . DC A 1 12 ? -1.372  -5.829  19.774  1.00 1.71 ? 12 DC A "H4'"  1 
ATOM 373 H "H3'"  . DC A 1 12 ? -3.291  -7.410  20.954  1.00 1.69 ? 12 DC A "H3'"  1 
ATOM 374 H "HO3'" . DC A 1 12 ? -2.068  -6.450  22.386  1.00 1.96 ? 12 DC A "HO3'" 1 
ATOM 375 H "H2'"  . DC A 1 12 ? -5.105  -6.028  21.265  1.00 1.63 ? 12 DC A "H2'"  1 
ATOM 376 H "H2''" . DC A 1 12 ? -4.059  -4.736  21.809  1.00 1.65 ? 12 DC A "H2''" 1 
ATOM 377 H "H1'"  . DC A 1 12 ? -4.409  -3.664  19.933  1.00 1.49 ? 12 DC A "H1'"  1 
ATOM 378 H H41    . DC A 1 12 ? -8.758  -5.313  15.851  1.00 1.33 ? 12 DC A H41    1 
ATOM 379 H H42    . DC A 1 12 ? -8.523  -7.008  16.143  1.00 1.36 ? 12 DC A H42    1 
ATOM 380 H H5     . DC A 1 12 ? -6.882  -7.833  17.640  1.00 1.37 ? 12 DC A H5     1 
ATOM 381 H H6     . DC A 1 12 ? -5.130  -7.211  19.143  1.00 1.47 ? 12 DC A H6     1 
ATOM 382 O "O5'"  . DG B 1 1  ? -12.897 3.131   13.086  1.00 2.06 ? 13 DG B "O5'"  1 
ATOM 383 C "C5'"  . DG B 1 1  ? -12.743 4.108   14.098  1.00 2.05 ? 13 DG B "C5'"  1 
ATOM 384 C "C4'"  . DG B 1 1  ? -11.323 4.159   14.571  1.00 1.89 ? 13 DG B "C4'"  1 
ATOM 385 O "O4'"  . DG B 1 1  ? -10.997 2.875   15.148  1.00 1.74 ? 13 DG B "O4'"  1 
ATOM 386 C "C3'"  . DG B 1 1  ? -10.286 4.410   13.486  1.00 1.85 ? 13 DG B "C3'"  1 
ATOM 387 O "O3'"  . DG B 1 1  ? -9.254  5.257   13.958  1.00 1.79 ? 13 DG B "O3'"  1 
ATOM 388 C "C2'"  . DG B 1 1  ? -9.779  3.035   13.161  1.00 1.74 ? 13 DG B "C2'"  1 
ATOM 389 C "C1'"  . DG B 1 1  ? -9.865  2.350   14.503  1.00 1.64 ? 13 DG B "C1'"  1 
ATOM 390 N N9     . DG B 1 1  ? -9.999  0.907   14.449  1.00 1.59 ? 13 DG B N9     1 
ATOM 391 C C8     . DG B 1 1  ? -10.874 0.183   13.711  1.00 1.73 ? 13 DG B C8     1 
ATOM 392 N N7     . DG B 1 1  ? -10.762 -1.097  13.870  1.00 1.66 ? 13 DG B N7     1 
ATOM 393 C C5     . DG B 1 1  ? -9.750  -1.227  14.767  1.00 1.47 ? 13 DG B C5     1 
ATOM 394 C C6     . DG B 1 1  ? -9.186  -2.382  15.318  1.00 1.35 ? 13 DG B C6     1 
ATOM 395 O O6     . DG B 1 1  ? -9.478  -3.559  15.118  1.00 1.38 ? 13 DG B O6     1 
ATOM 396 N N1     . DG B 1 1  ? -8.184  -2.062  16.187  1.00 1.23 ? 13 DG B N1     1 
ATOM 397 C C2     . DG B 1 1  ? -7.775  -0.795  16.486  1.00 1.21 ? 13 DG B C2     1 
ATOM 398 N N2     . DG B 1 1  ? -6.790  -0.687  17.347  1.00 1.15 ? 13 DG B N2     1 
ATOM 399 N N3     . DG B 1 1  ? -8.292  0.289   15.979  1.00 1.30 ? 13 DG B N3     1 
ATOM 400 C C4     . DG B 1 1  ? -9.269  0.001   15.133  1.00 1.43 ? 13 DG B C4     1 
ATOM 401 H "H5'"  . DG B 1 1  ? -13.394 3.868   14.937  1.00 2.06 ? 13 DG B "H5'"  1 
ATOM 402 H "H5''" . DG B 1 1  ? -13.011 5.079   13.712  1.00 2.17 ? 13 DG B "H5''" 1 
ATOM 403 H "H4'"  . DG B 1 1  ? -11.244 4.978   15.270  1.00 1.91 ? 13 DG B "H4'"  1 
ATOM 404 H "H3'"  . DG B 1 1  ? -10.718 4.902   12.624  1.00 1.98 ? 13 DG B "H3'"  1 
ATOM 405 H "H2'"  . DG B 1 1  ? -10.402 2.551   12.421  1.00 1.82 ? 13 DG B "H2'"  1 
ATOM 406 H "H2''" . DG B 1 1  ? -8.758  3.067   12.799  1.00 1.65 ? 13 DG B "H2''" 1 
ATOM 407 H "H1'"  . DG B 1 1  ? -9.007  2.592   15.120  1.00 1.56 ? 13 DG B "H1'"  1 
ATOM 408 H H8     . DG B 1 1  ? -11.581 0.629   13.065  1.00 1.91 ? 13 DG B H8     1 
ATOM 409 H H1     . DG B 1 1  ? -7.721  -2.822  16.631  1.00 1.18 ? 13 DG B H1     1 
ATOM 410 H H21    . DG B 1 1  ? -6.392  -1.513  17.738  1.00 1.14 ? 13 DG B H21    1 
ATOM 411 H H22    . DG B 1 1  ? -6.446  0.218   17.607  1.00 1.16 ? 13 DG B H22    1 
ATOM 412 H "HO5'" . DG B 1 1  ? -12.996 2.947   12.902  1.00 2.23 ? 13 DG B "HO5'" 1 
ATOM 413 P P      . DA B 1 2  ? -8.019  5.628   13.002  1.00 1.72 ? 14 DA B P      1 
ATOM 414 O OP1    . DA B 1 2  ? -7.842  7.054   13.068  1.00 1.88 ? 14 DA B OP1    1 
ATOM 415 O OP2    . DA B 1 2  ? -8.193  5.007   11.706  1.00 1.85 ? 14 DA B OP2    1 
ATOM 416 O "O5'"  . DA B 1 2  ? -6.804  4.970   13.684  1.00 1.40 ? 14 DA B "O5'"  1 
ATOM 417 C "C5'"  . DA B 1 2  ? -6.392  5.391   14.936  1.00 1.31 ? 14 DA B "C5'"  1 
ATOM 418 C "C4'"  . DA B 1 2  ? -5.004  4.915   15.195  1.00 1.17 ? 14 DA B "C4'"  1 
ATOM 419 O "O4'"  . DA B 1 2  ? -5.021  3.477   15.237  1.00 1.04 ? 14 DA B "O4'"  1 
ATOM 420 C "C3'"  . DA B 1 2  ? -3.973  5.290   14.146  1.00 1.14 ? 14 DA B "C3'"  1 
ATOM 421 O "O3'"  . DA B 1 2  ? -2.704  5.496   14.741  1.00 1.12 ? 14 DA B "O3'"  1 
ATOM 422 C "C2'"  . DA B 1 2  ? -3.978  4.107   13.217  1.00 1.06 ? 14 DA B "C2'"  1 
ATOM 423 C "C1'"  . DA B 1 2  ? -4.316  2.951   14.135  1.00 1.00 ? 14 DA B "C1'"  1 
ATOM 424 N N9     . DA B 1 2  ? -5.136  1.921   13.512  1.00 0.96 ? 14 DA B N9     1 
ATOM 425 C C8     . DA B 1 2  ? -6.183  2.110   12.661  1.00 1.02 ? 14 DA B C8     1 
ATOM 426 N N7     . DA B 1 2  ? -6.760  1.003   12.271  1.00 0.97 ? 14 DA B N7     1 
ATOM 427 C C5     . DA B 1 2  ? -6.036  0.018   12.899  1.00 0.88 ? 14 DA B C5     1 
ATOM 428 C C6     . DA B 1 2  ? -6.145  -1.374  12.889  1.00 0.83 ? 14 DA B C6     1 
ATOM 429 N N6     . DA B 1 2  ? -7.072  -2.041  12.205  1.00 0.83 ? 14 DA B N6     1 
ATOM 430 N N1     . DA B 1 2  ? -5.261  -2.067  13.618  1.00 0.80 ? 14 DA B N1     1 
ATOM 431 C C2     . DA B 1 2  ? -4.335  -1.397  14.308  1.00 0.82 ? 14 DA B C2     1 
ATOM 432 N N3     . DA B 1 2  ? -4.135  -0.091  14.400  1.00 0.86 ? 14 DA B N3     1 
ATOM 433 C C4     . DA B 1 2  ? -5.028  0.568   13.662  1.00 0.89 ? 14 DA B C4     1 
ATOM 434 H "H5'"  . DA B 1 2  ? -7.072  5.007   15.683  1.00 1.27 ? 14 DA B "H5'"  1 
ATOM 435 H "H5''" . DA B 1 2  ? -6.397  6.445   14.979  1.00 1.47 ? 14 DA B "H5''" 1 
ATOM 436 H "H4'"  . DA B 1 2  ? -4.679  5.362   16.115  1.00 1.22 ? 14 DA B "H4'"  1 
ATOM 437 H "H3'"  . DA B 1 2  ? -4.232  6.214   13.639  1.00 1.21 ? 14 DA B "H3'"  1 
ATOM 438 H "H2'"  . DA B 1 2  ? -4.709  4.229   12.434  1.00 1.12 ? 14 DA B "H2'"  1 
ATOM 439 H "H2''" . DA B 1 2  ? -3.007  3.954   12.773  1.00 1.01 ? 14 DA B "H2''" 1 
ATOM 440 H "H1'"  . DA B 1 2  ? -3.416  2.481   14.526  1.00 0.98 ? 14 DA B "H1'"  1 
ATOM 441 H H8     . DA B 1 2  ? -6.491  3.080   12.332  1.00 1.11 ? 14 DA B H8     1 
ATOM 442 H H61    . DA B 1 2  ? -7.104  -3.043  12.240  1.00 0.80 ? 14 DA B H61    1 
ATOM 443 H H62    . DA B 1 2  ? -7.745  -1.542  11.656  1.00 0.88 ? 14 DA B H62    1 
ATOM 444 H H2     . DA B 1 2  ? -3.647  -2.008  14.874  1.00 0.84 ? 14 DA B H2     1 
ATOM 445 P P      . DC B 1 3  ? -1.393  5.581   13.825  1.00 1.06 ? 15 DC B P      1 
ATOM 446 O OP1    . DC B 1 3  ? -0.431  6.435   14.520  1.00 1.14 ? 15 DC B OP1    1 
ATOM 447 O OP2    . DC B 1 3  ? -1.779  5.918   12.451  1.00 1.14 ? 15 DC B OP2    1 
ATOM 448 O "O5'"  . DC B 1 3  ? -0.845  4.111   13.842  1.00 0.89 ? 15 DC B "O5'"  1 
ATOM 449 C "C5'"  . DC B 1 3  ? -0.368  3.535   15.034  1.00 0.84 ? 15 DC B "C5'"  1 
ATOM 450 C "C4'"  . DC B 1 3  ? 0.311   2.241   14.743  1.00 0.76 ? 15 DC B "C4'"  1 
ATOM 451 O "O4'"  . DC B 1 3  ? -0.682  1.328   14.253  1.00 0.73 ? 15 DC B "O4'"  1 
ATOM 452 C "C3'"  . DC B 1 3  ? 1.411   2.296   13.691  1.00 0.78 ? 15 DC B "C3'"  1 
ATOM 453 O "O3'"  . DC B 1 3  ? 2.538   1.556   14.116  1.00 0.83 ? 15 DC B "O3'"  1 
ATOM 454 C "C2'"  . DC B 1 3  ? 0.785   1.689   12.468  1.00 0.75 ? 15 DC B "C2'"  1 
ATOM 455 C "C1'"  . DC B 1 3  ? -0.247  0.749   13.049  1.00 0.71 ? 15 DC B "C1'"  1 
ATOM 456 N N1     . DC B 1 3  ? -1.424  0.495   12.210  1.00 0.68 ? 15 DC B N1     1 
ATOM 457 C C2     . DC B 1 3  ? -1.814  -0.823  11.987  1.00 0.66 ? 15 DC B C2     1 
ATOM 458 O O2     . DC B 1 3  ? -1.152  -1.732  12.489  1.00 0.67 ? 15 DC B O2     1 
ATOM 459 N N3     . DC B 1 3  ? -2.900  -1.072  11.231  1.00 0.67 ? 15 DC B N3     1 
ATOM 460 C C4     . DC B 1 3  ? -3.585  -0.066  10.706  1.00 0.71 ? 15 DC B C4     1 
ATOM 461 N N4     . DC B 1 3  ? -4.654  -0.357  9.974   1.00 0.75 ? 15 DC B N4     1 
ATOM 462 C C5     . DC B 1 3  ? -3.207  1.284   10.910  1.00 0.74 ? 15 DC B C5     1 
ATOM 463 C C6     . DC B 1 3  ? -2.131  1.518   11.660  1.00 0.72 ? 15 DC B C6     1 
ATOM 464 H "H5'"  . DC B 1 3  ? -1.194  3.359   15.719  1.00 0.84 ? 15 DC B "H5'"  1 
ATOM 465 H "H5''" . DC B 1 3  ? 0.338   4.201   15.495  1.00 0.92 ? 15 DC B "H5''" 1 
ATOM 466 H "H4'"  . DC B 1 3  ? 0.771   1.912   15.656  1.00 0.81 ? 15 DC B "H4'"  1 
ATOM 467 H "H3'"  . DC B 1 3  ? 1.753   3.309   13.515  1.00 0.83 ? 15 DC B "H3'"  1 
ATOM 468 H "H2'"  . DC B 1 3  ? 0.348   2.444   11.837  1.00 0.79 ? 15 DC B "H2'"  1 
ATOM 469 H "H2''" . DC B 1 3  ? 1.510   1.129   11.893  1.00 0.79 ? 15 DC B "H2''" 1 
ATOM 470 H "H1'"  . DC B 1 3  ? 0.200   -0.209  13.306  1.00 0.72 ? 15 DC B "H1'"  1 
ATOM 471 H H41    . DC B 1 3  ? -4.923  -1.313  9.831   1.00 0.75 ? 15 DC B H41    1 
ATOM 472 H H42    . DC B 1 3  ? -5.196  0.380   9.563   1.00 0.81 ? 15 DC B H42    1 
ATOM 473 H H5     . DC B 1 3  ? -3.774  2.097   10.473  1.00 0.81 ? 15 DC B H5     1 
ATOM 474 H H6     . DC B 1 3  ? -1.816  2.540   11.831  1.00 0.77 ? 15 DC B H6     1 
ATOM 475 P P      . DT B 1 4  ? 3.752   1.295   13.103  1.00 0.88 ? 16 DT B P      1 
ATOM 476 O OP1    . DT B 1 4  ? 4.991   1.233   13.909  1.00 0.97 ? 16 DT B OP1    1 
ATOM 477 O OP2    . DT B 1 4  ? 3.656   2.260   11.984  1.00 0.91 ? 16 DT B OP2    1 
ATOM 478 O "O5'"  . DT B 1 4  ? 3.464   -0.162  12.538  1.00 0.82 ? 16 DT B "O5'"  1 
ATOM 479 C "C5'"  . DT B 1 4  ? 3.510   -1.298  13.390  1.00 0.82 ? 16 DT B "C5'"  1 
ATOM 480 C "C4'"  . DT B 1 4  ? 3.447   -2.567  12.578  1.00 0.78 ? 16 DT B "C4'"  1 
ATOM 481 O "O4'"  . DT B 1 4  ? 2.137   -2.631  11.954  1.00 0.72 ? 16 DT B "O4'"  1 
ATOM 482 C "C3'"  . DT B 1 4  ? 4.462   -2.675  11.449  1.00 0.82 ? 16 DT B "C3'"  1 
ATOM 483 O "O3'"  . DT B 1 4  ? 5.042   -3.978  11.416  1.00 0.82 ? 16 DT B "O3'"  1 
ATOM 484 C "C2'"  . DT B 1 4  ? 3.659   -2.392  10.196  1.00 0.78 ? 16 DT B "C2'"  1 
ATOM 485 C "C1'"  . DT B 1 4  ? 2.279   -2.877  10.576  1.00 0.71 ? 16 DT B "C1'"  1 
ATOM 486 N N1     . DT B 1 4  ? 1.171   -2.213  9.866   1.00 0.69 ? 16 DT B N1     1 
ATOM 487 C C2     . DT B 1 4  ? 0.225   -2.993  9.246   1.00 0.63 ? 16 DT B C2     1 
ATOM 488 O O2     . DT B 1 4  ? 0.267   -4.210  9.240   1.00 0.61 ? 16 DT B O2     1 
ATOM 489 N N3     . DT B 1 4  ? -0.775  -2.293  8.629   1.00 0.62 ? 16 DT B N3     1 
ATOM 490 C C4     . DT B 1 4  ? -0.920  -0.925  8.565   1.00 0.66 ? 16 DT B C4     1 
ATOM 491 O O4     . DT B 1 4  ? -1.884  -0.438  7.984   1.00 0.65 ? 16 DT B O4     1 
ATOM 492 C C5     . DT B 1 4  ? 0.112   -0.169  9.226   1.00 0.72 ? 16 DT B C5     1 
ATOM 493 C C7     . DT B 1 4  ? 0.048   1.323   9.190   1.00 0.78 ? 16 DT B C7     1 
ATOM 494 C C6     . DT B 1 4  ? 1.097   -0.839  9.837   1.00 0.73 ? 16 DT B C6     1 
ATOM 495 H "H5'"  . DT B 1 4  ? 2.670   -1.270  14.078  1.00 0.79 ? 16 DT B "H5'"  1 
ATOM 496 H "H5''" . DT B 1 4  ? 4.432   -1.294  13.960  1.00 0.91 ? 16 DT B "H5''" 1 
ATOM 497 H "H4'"  . DT B 1 4  ? 3.645   -3.397  13.254  1.00 0.79 ? 16 DT B "H4'"  1 
ATOM 498 H "H3'"  . DT B 1 4  ? 5.284   -1.971  11.579  1.00 0.87 ? 16 DT B "H3'"  1 
ATOM 499 H "H2'"  . DT B 1 4  ? 3.668   -1.332  9.949   1.00 0.81 ? 16 DT B "H2'"  1 
ATOM 500 H "H2''" . DT B 1 4  ? 4.034   -2.960  9.348   1.00 0.79 ? 16 DT B "H2''" 1 
ATOM 501 H "H1'"  . DT B 1 4  ? 2.184   -3.950  10.434  1.00 0.69 ? 16 DT B "H1'"  1 
ATOM 502 H H3     . DT B 1 4  ? -1.486  -2.837  8.169   1.00 0.59 ? 16 DT B H3     1 
ATOM 503 H H71    . DT B 1 4  ? 0.089   1.705   9.521   1.00 1.14 ? 16 DT B H71    1 
ATOM 504 H H72    . DT B 1 4  ? -0.291  1.661   9.063   1.00 1.17 ? 16 DT B H72    1 
ATOM 505 H H73    . DT B 1 4  ? 0.296   1.691   8.962   1.00 1.43 ? 16 DT B H73    1 
ATOM 506 H H6     . DT B 1 4  ? 1.880   -0.273  10.333  1.00 0.78 ? 16 DT B H6     1 
ATOM 507 P P      . DG B 1 5  ? 6.012   -4.394  10.205  1.00 0.83 ? 17 DG B P      1 
ATOM 508 O OP1    . DG B 1 5  ? 6.931   -5.452  10.691  1.00 0.84 ? 17 DG B OP1    1 
ATOM 509 O OP2    . DG B 1 5  ? 6.569   -3.150  9.623   1.00 0.89 ? 17 DG B OP2    1 
ATOM 510 O "O5'"  . DG B 1 5  ? 5.029   -5.042  9.135   1.00 0.77 ? 17 DG B "O5'"  1 
ATOM 511 C "C5'"  . DG B 1 5  ? 4.167   -6.114  9.494   1.00 0.72 ? 17 DG B "C5'"  1 
ATOM 512 C "C4'"  . DG B 1 5  ? 3.569   -6.743  8.261   1.00 0.68 ? 17 DG B "C4'"  1 
ATOM 513 O "O4'"  . DG B 1 5  ? 2.394   -5.971  7.884   1.00 0.66 ? 17 DG B "O4'"  1 
ATOM 514 C "C3'"  . DG B 1 5  ? 4.469   -6.762  7.027   1.00 0.70 ? 17 DG B "C3'"  1 
ATOM 515 O "O3'"  . DG B 1 5  ? 4.436   -8.043  6.400   1.00 0.68 ? 17 DG B "O3'"  1 
ATOM 516 C "C2'"  . DG B 1 5  ? 3.881   -5.689  6.128   1.00 0.71 ? 17 DG B "C2'"  1 
ATOM 517 C "C1'"  . DG B 1 5  ? 2.417   -5.743  6.498   1.00 0.66 ? 17 DG B "C1'"  1 
ATOM 518 N N9     . DG B 1 5  ? 1.659   -4.531  6.202   1.00 0.67 ? 17 DG B N9     1 
ATOM 519 C C8     . DG B 1 5  ? 1.962   -3.248  6.581   1.00 0.71 ? 17 DG B C8     1 
ATOM 520 N N7     . DG B 1 5  ? 1.087   -2.370  6.176   1.00 0.71 ? 17 DG B N7     1 
ATOM 521 C C5     . DG B 1 5  ? 0.151   -3.118  5.480   1.00 0.67 ? 17 DG B C5     1 
ATOM 522 C C6     . DG B 1 5  ? -1.029  -2.715  4.810   1.00 0.66 ? 17 DG B C6     1 
ATOM 523 O O6     . DG B 1 5  ? -1.501  -1.578  4.697   1.00 0.68 ? 17 DG B O6     1 
ATOM 524 N N1     . DG B 1 5  ? -1.684  -3.797  4.235   1.00 0.63 ? 17 DG B N1     1 
ATOM 525 C C2     . DG B 1 5  ? -1.256  -5.099  4.296   1.00 0.62 ? 17 DG B C2     1 
ATOM 526 N N2     . DG B 1 5  ? -2.022  -6.002  3.672   1.00 0.60 ? 17 DG B N2     1 
ATOM 527 N N3     . DG B 1 5  ? -0.159  -5.490  4.920   1.00 0.62 ? 17 DG B N3     1 
ATOM 528 C C4     . DG B 1 5  ? 0.491   -4.454  5.486   1.00 0.65 ? 17 DG B C4     1 
ATOM 529 H "H5'"  . DG B 1 5  ? 3.366   -5.741  10.130  1.00 0.71 ? 17 DG B "H5'"  1 
ATOM 530 H "H5''" . DG B 1 5  ? 4.727   -6.871  10.039  1.00 0.73 ? 17 DG B "H5''" 1 
ATOM 531 H "H4'"  . DG B 1 5  ? 3.347   -7.783  8.500   1.00 0.65 ? 17 DG B "H4'"  1 
ATOM 532 H "H3'"  . DG B 1 5  ? 5.510   -6.564  7.284   1.00 0.74 ? 17 DG B "H3'"  1 
ATOM 533 H "H2'"  . DG B 1 5  ? 4.322   -4.715  6.335   1.00 0.74 ? 17 DG B "H2'"  1 
ATOM 534 H "H2''" . DG B 1 5  ? 4.023   -5.929  5.077   1.00 0.71 ? 17 DG B "H2''" 1 
ATOM 535 H "H1'"  . DG B 1 5  ? 1.918   -6.590  6.028   1.00 0.64 ? 17 DG B "H1'"  1 
ATOM 536 H H8     . DG B 1 5  ? 2.842   -2.989  7.144   1.00 0.75 ? 17 DG B H8     1 
ATOM 537 H H1     . DG B 1 5  ? -2.538  -3.606  3.734   1.00 0.63 ? 17 DG B H1     1 
ATOM 538 H H21    . DG B 1 5  ? -2.861  -5.708  3.195   1.00 0.61 ? 17 DG B H21    1 
ATOM 539 H H22    . DG B 1 5  ? -1.761  -6.977  3.680   1.00 0.60 ? 17 DG B H22    1 
ATOM 540 P P      . DT B 1 6  ? 5.071   -8.238  4.936   1.00 0.69 ? 18 DT B P      1 
ATOM 541 O OP1    . DT B 1 6  ? 5.532   -9.643  4.819   1.00 0.66 ? 18 DT B OP1    1 
ATOM 542 O OP2    . DT B 1 6  ? 6.032   -7.132  4.701   1.00 0.73 ? 18 DT B OP2    1 
ATOM 543 O "O5'"  . DT B 1 6  ? 3.832   -8.037  3.958   1.00 0.68 ? 18 DT B "O5'"  1 
ATOM 544 C "C5'"  . DT B 1 6  ? 2.726   -8.930  3.996   1.00 0.68 ? 18 DT B "C5'"  1 
ATOM 545 C "C4'"  . DT B 1 6  ? 1.812   -8.686  2.820   1.00 0.69 ? 18 DT B "C4'"  1 
ATOM 546 O "O4'"  . DT B 1 6  ? 1.297   -7.331  2.932   1.00 0.71 ? 18 DT B "O4'"  1 
ATOM 547 C "C3'"  . DT B 1 6  ? 2.459   -8.784  1.441   1.00 0.68 ? 18 DT B "C3'"  1 
ATOM 548 O "O3'"  . DT B 1 6  ? 1.658   -9.584  0.574   1.00 0.68 ? 18 DT B "O3'"  1 
ATOM 549 C "C2'"  . DT B 1 6  ? 2.529   -7.349  0.947   1.00 0.69 ? 18 DT B "C2'"  1 
ATOM 550 C "C1'"  . DT B 1 6  ? 1.385   -6.685  1.684   1.00 0.70 ? 18 DT B "C1'"  1 
ATOM 551 N N1     . DT B 1 6  ? 1.537   -5.231  1.918   1.00 0.70 ? 18 DT B N1     1 
ATOM 552 C C2     . DT B 1 6  ? 0.534   -4.407  1.457   1.00 0.70 ? 18 DT B C2     1 
ATOM 553 O O2     . DT B 1 6  ? -0.444  -4.821  0.859   1.00 0.70 ? 18 DT B O2     1 
ATOM 554 N N3     . DT B 1 6  ? 0.720   -3.076  1.719   1.00 0.71 ? 18 DT B N3     1 
ATOM 555 C C4     . DT B 1 6  ? 1.781   -2.496  2.380   1.00 0.72 ? 18 DT B C4     1 
ATOM 556 O O4     . DT B 1 6  ? 1.802   -1.281  2.550   1.00 0.73 ? 18 DT B O4     1 
ATOM 557 C C5     . DT B 1 6  ? 2.801   -3.413  2.831   1.00 0.73 ? 18 DT B C5     1 
ATOM 558 C C7     . DT B 1 6  ? 3.984   -2.869  3.565   1.00 0.75 ? 18 DT B C7     1 
ATOM 559 C C6     . DT B 1 6  ? 2.639   -4.719  2.581   1.00 0.72 ? 18 DT B C6     1 
ATOM 560 H "H5'"  . DT B 1 6  ? 2.167   -8.783  4.920   1.00 0.70 ? 18 DT B "H5'"  1 
ATOM 561 H "H5''" . DT B 1 6  ? 3.081   -9.958  3.958   1.00 0.66 ? 18 DT B "H5''" 1 
ATOM 562 H "H4'"  . DT B 1 6  ? 1.033   -9.447  2.851   1.00 0.69 ? 18 DT B "H4'"  1 
ATOM 563 H "H3'"  . DT B 1 6  ? 3.442   -9.257  1.488   1.00 0.67 ? 18 DT B "H3'"  1 
ATOM 564 H "H2'"  . DT B 1 6  ? 3.489   -6.895  1.182   1.00 0.69 ? 18 DT B "H2'"  1 
ATOM 565 H "H2''" . DT B 1 6  ? 2.358   -7.291  -0.129  1.00 0.70 ? 18 DT B "H2''" 1 
ATOM 566 H "H1'"  . DT B 1 6  ? 0.433   -6.854  1.172   1.00 0.70 ? 18 DT B "H1'"  1 
ATOM 567 H H3     . DT B 1 6  ? 0.001   -2.449  1.393   1.00 0.71 ? 18 DT B H3     1 
ATOM 568 H H71    . DT B 1 6  ? 4.225   -2.647  3.723   1.00 1.33 ? 18 DT B H71    1 
ATOM 569 H H72    . DT B 1 6  ? 4.331   -2.780  3.670   1.00 1.24 ? 18 DT B H72    1 
ATOM 570 H H73    . DT B 1 6  ? 4.261   -2.786  3.835   1.00 1.24 ? 18 DT B H73    1 
ATOM 571 H H6     . DT B 1 6  ? 3.421   -5.405  2.911   1.00 0.72 ? 18 DT B H6     1 
ATOM 572 P P      . DG B 1 7  ? 2.063   -9.744  -0.974  1.00 0.69 ? 19 DG B P      1 
ATOM 573 O OP1    . DG B 1 7  ? 1.847   -11.161 -1.359  1.00 0.71 ? 19 DG B OP1    1 
ATOM 574 O OP2    . DG B 1 7  ? 3.396   -9.128  -1.172  1.00 0.70 ? 19 DG B OP2    1 
ATOM 575 O "O5'"  . DG B 1 7  ? 0.987   -8.854  -1.739  1.00 0.66 ? 19 DG B "O5'"  1 
ATOM 576 C "C5'"  . DG B 1 7  ? -0.396  -9.004  -1.477  1.00 0.65 ? 19 DG B "C5'"  1 
ATOM 577 C "C4'"  . DG B 1 7  ? -1.214  -8.280  -2.518  1.00 0.65 ? 19 DG B "C4'"  1 
ATOM 578 O "O4'"  . DG B 1 7  ? -1.315  -6.883  -2.123  1.00 0.64 ? 19 DG B "O4'"  1 
ATOM 579 C "C3'"  . DG B 1 7  ? -0.636  -8.276  -3.930  1.00 0.63 ? 19 DG B "C3'"  1 
ATOM 580 O "O3'"  . DG B 1 7  ? -1.650  -8.579  -4.886  1.00 0.66 ? 19 DG B "O3'"  1 
ATOM 581 C "C2'"  . DG B 1 7  ? -0.107  -6.865  -4.110  1.00 0.59 ? 19 DG B "C2'"  1 
ATOM 582 C "C1'"  . DG B 1 7  ? -1.032  -6.062  -3.231  1.00 0.61 ? 19 DG B "C1'"  1 
ATOM 583 N N9     . DG B 1 7  ? -0.488  -4.797  -2.751  1.00 0.59 ? 19 DG B N9     1 
ATOM 584 C C8     . DG B 1 7  ? 0.677   -4.608  -2.054  1.00 0.57 ? 19 DG B C8     1 
ATOM 585 N N7     . DG B 1 7  ? 0.897   -3.360  -1.750  1.00 0.57 ? 19 DG B N7     1 
ATOM 586 C C5     . DG B 1 7  ? -0.187  -2.681  -2.287  1.00 0.58 ? 19 DG B C5     1 
ATOM 587 C C6     . DG B 1 7  ? -0.503  -1.300  -2.277  1.00 0.59 ? 19 DG B C6     1 
ATOM 588 O O6     . DG B 1 7  ? 0.134   -0.369  -1.774  1.00 0.60 ? 19 DG B O6     1 
ATOM 589 N N1     . DG B 1 7  ? -1.698  -1.043  -2.939  1.00 0.61 ? 19 DG B N1     1 
ATOM 590 C C2     . DG B 1 7  ? -2.487  -1.992  -3.534  1.00 0.62 ? 19 DG B C2     1 
ATOM 591 N N2     . DG B 1 7  ? -3.603  -1.546  -4.128  1.00 0.64 ? 19 DG B N2     1 
ATOM 592 N N3     . DG B 1 7  ? -2.207  -3.283  -3.548  1.00 0.61 ? 19 DG B N3     1 
ATOM 593 C C4     . DG B 1 7  ? -1.050  -3.554  -2.911  1.00 0.59 ? 19 DG B C4     1 
ATOM 594 H "H5'"  . DG B 1 7  ? -0.623  -8.601  -0.498  1.00 0.65 ? 19 DG B "H5'"  1 
ATOM 595 H "H5''" . DG B 1 7  ? -0.656  -10.054 -1.492  1.00 0.69 ? 19 DG B "H5''" 1 
ATOM 596 H "H4'"  . DG B 1 7  ? -2.179  -8.781  -2.580  1.00 0.69 ? 19 DG B "H4'"  1 
ATOM 597 H "H3'"  . DG B 1 7  ? 0.144   -9.029  -4.047  1.00 0.62 ? 19 DG B "H3'"  1 
ATOM 598 H "H2'"  . DG B 1 7  ? 0.931   -6.787  -3.794  1.00 0.57 ? 19 DG B "H2'"  1 
ATOM 599 H "H2''" . DG B 1 7  ? -0.192  -6.534  -5.144  1.00 0.59 ? 19 DG B "H2''" 1 
ATOM 600 H "H1'"  . DG B 1 7  ? -1.980  -5.863  -3.730  1.00 0.64 ? 19 DG B "H1'"  1 
ATOM 601 H H8     . DG B 1 7  ? 1.349   -5.409  -1.790  1.00 0.57 ? 19 DG B H8     1 
ATOM 602 H H1     . DG B 1 7  ? -2.010  -0.085  -2.986  1.00 0.62 ? 19 DG B H1     1 
ATOM 603 H H21    . DG B 1 7  ? -3.821  -0.561  -4.117  1.00 0.65 ? 19 DG B H21    1 
ATOM 604 H H22    . DG B 1 7  ? -4.224  -2.196  -4.584  1.00 0.66 ? 19 DG B H22    1 
ATOM 605 P P      . DC B 1 8  ? -1.378  -8.337  -6.451  1.00 0.66 ? 20 DC B P      1 
ATOM 606 O OP1    . DC B 1 8  ? -2.250  -9.260  -7.216  1.00 0.71 ? 20 DC B OP1    1 
ATOM 607 O OP2    . DC B 1 8  ? 0.088   -8.366  -6.670  1.00 0.63 ? 20 DC B OP2    1 
ATOM 608 O "O5'"  . DC B 1 8  ? -1.890  -6.849  -6.698  1.00 0.64 ? 20 DC B "O5'"  1 
ATOM 609 C "C5'"  . DC B 1 8  ? -3.226  -6.477  -6.381  1.00 0.68 ? 20 DC B "C5'"  1 
ATOM 610 C "C4'"  . DC B 1 8  ? -3.547  -5.118  -6.957  1.00 0.66 ? 20 DC B "C4'"  1 
ATOM 611 O "O4'"  . DC B 1 8  ? -2.794  -4.125  -6.212  1.00 0.61 ? 20 DC B "O4'"  1 
ATOM 612 C "C3'"  . DC B 1 8  ? -3.174  -4.918  -8.422  1.00 0.64 ? 20 DC B "C3'"  1 
ATOM 613 O "O3'"  . DC B 1 8  ? -4.247  -4.308  -9.133  1.00 0.68 ? 20 DC B "O3'"  1 
ATOM 614 C "C2'"  . DC B 1 8  ? -1.964  -4.008  -8.384  1.00 0.57 ? 20 DC B "C2'"  1 
ATOM 615 C "C1'"  . DC B 1 8  ? -2.183  -3.231  -7.108  1.00 0.56 ? 20 DC B "C1'"  1 
ATOM 616 N N1     . DC B 1 8  ? -0.977  -2.680  -6.471  1.00 0.51 ? 20 DC B N1     1 
ATOM 617 C C2     . DC B 1 8  ? -0.891  -1.298  -6.286  1.00 0.49 ? 20 DC B C2     1 
ATOM 618 O O2     . DC B 1 8  ? -1.821  -0.578  -6.682  1.00 0.51 ? 20 DC B O2     1 
ATOM 619 N N3     . DC B 1 8  ? 0.199   -0.780  -5.683  1.00 0.48 ? 20 DC B N3     1 
ATOM 620 C C4     . DC B 1 8  ? 1.179   -1.587  -5.273  1.00 0.47 ? 20 DC B C4     1 
ATOM 621 N N4     . DC B 1 8  ? 2.232   -1.033  -4.675  1.00 0.48 ? 20 DC B N4     1 
ATOM 622 C C5     . DC B 1 8  ? 1.124   -2.997  -5.456  1.00 0.48 ? 20 DC B C5     1 
ATOM 623 C C6     . DC B 1 8  ? 0.040   -3.496  -6.056  1.00 0.50 ? 20 DC B C6     1 
ATOM 624 H "H5'"  . DC B 1 8  ? -3.351  -6.445  -5.302  1.00 0.69 ? 20 DC B "H5'"  1 
ATOM 625 H "H5''" . DC B 1 8  ? -3.918  -7.205  -6.795  1.00 0.73 ? 20 DC B "H5''" 1 
ATOM 626 H "H4'"  . DC B 1 8  ? -4.625  -4.981  -6.891  1.00 0.70 ? 20 DC B "H4'"  1 
ATOM 627 H "H3'"  . DC B 1 8  ? -2.965  -5.868  -8.918  1.00 0.66 ? 20 DC B "H3'"  1 
ATOM 628 H "H2'"  . DC B 1 8  ? -1.037  -4.577  -8.369  1.00 0.56 ? 20 DC B "H2'"  1 
ATOM 629 H "H2''" . DC B 1 8  ? -1.952  -3.324  -9.230  1.00 0.57 ? 20 DC B "H2''" 1 
ATOM 630 H "H1'"  . DC B 1 8  ? -2.888  -2.413  -7.267  1.00 0.57 ? 20 DC B "H1'"  1 
ATOM 631 H H41    . DC B 1 8  ? 2.269   -0.035  -4.545  1.00 0.50 ? 20 DC B H41    1 
ATOM 632 H H42    . DC B 1 8  ? 2.991   -1.614  -4.352  1.00 0.49 ? 20 DC B H42    1 
ATOM 633 H H5     . DC B 1 8  ? 1.932   -3.644  -5.119  1.00 0.48 ? 20 DC B H5     1 
ATOM 634 H H6     . DC B 1 8  ? -0.029  -4.570  -6.214  1.00 0.52 ? 20 DC B H6     1 
ATOM 635 P P      . DA B 1 9  ? -4.058  -3.898  -10.674 1.00 0.69 ? 21 DA B P      1 
ATOM 636 O OP1    . DA B 1 9  ? -5.396  -3.933  -11.308 1.00 0.77 ? 21 DA B OP1    1 
ATOM 637 O OP2    . DA B 1 9  ? -2.955  -4.709  -11.244 1.00 0.68 ? 21 DA B OP2    1 
ATOM 638 O "O5'"  . DA B 1 9  ? -3.583  -2.382  -10.613 1.00 0.64 ? 21 DA B "O5'"  1 
ATOM 639 C "C5'"  . DA B 1 9  ? -4.407  -1.377  -10.035 1.00 0.67 ? 21 DA B "C5'"  1 
ATOM 640 C "C4'"  . DA B 1 9  ? -3.963  -0.009  -10.487 1.00 0.63 ? 21 DA B "C4'"  1 
ATOM 641 O "O4'"  . DA B 1 9  ? -2.882  0.433   -9.621  1.00 0.57 ? 21 DA B "O4'"  1 
ATOM 642 C "C3'"  . DA B 1 9  ? -3.407  0.061   -11.904 1.00 0.62 ? 21 DA B "C3'"  1 
ATOM 643 O "O3'"  . DA B 1 9  ? -3.891  1.222   -12.577 1.00 0.63 ? 21 DA B "O3'"  1 
ATOM 644 C "C2'"  . DA B 1 9  ? -1.909  0.114   -11.696 1.00 0.57 ? 21 DA B "C2'"  1 
ATOM 645 C "C1'"  . DA B 1 9  ? -1.817  0.894   -10.411 1.00 0.54 ? 21 DA B "C1'"  1 
ATOM 646 N N9     . DA B 1 9  ? -0.566  0.708   -9.687  1.00 0.51 ? 21 DA B N9     1 
ATOM 647 C C8     . DA B 1 9  ? 0.070   -0.476  -9.437  1.00 0.49 ? 21 DA B C8     1 
ATOM 648 N N7     . DA B 1 9  ? 1.172   -0.351  -8.746  1.00 0.48 ? 21 DA B N7     1 
ATOM 649 C C5     . DA B 1 9  ? 1.276   1.016   -8.541  1.00 0.49 ? 21 DA B C5     1 
ATOM 650 C C6     . DA B 1 9  ? 2.231   1.799   -7.880  1.00 0.52 ? 21 DA B C6     1 
ATOM 651 N N6     . DA B 1 9  ? 3.303   1.296   -7.270  1.00 0.54 ? 21 DA B N6     1 
ATOM 652 N N1     . DA B 1 9  ? 2.042   3.135   -7.863  1.00 0.54 ? 21 DA B N1     1 
ATOM 653 C C2     . DA B 1 9  ? 0.963   3.639   -8.471  1.00 0.53 ? 21 DA B C2     1 
ATOM 654 N N3     . DA B 1 9  ? -0.006  3.006   -9.118  1.00 0.51 ? 21 DA B N3     1 
ATOM 655 C C4     . DA B 1 9  ? 0.213   1.681   -9.118  1.00 0.50 ? 21 DA B C4     1 
ATOM 656 H "H5'"  . DA B 1 9  ? -4.344  -1.435  -8.952  1.00 0.68 ? 21 DA B "H5'"  1 
ATOM 657 H "H5''" . DA B 1 9  ? -5.438  -1.528  -10.337 1.00 0.74 ? 21 DA B "H5''" 1 
ATOM 658 H "H4'"  . DA B 1 9  ? -4.834  0.645   -10.461 1.00 0.65 ? 21 DA B "H4'"  1 
ATOM 659 H "H3'"  . DA B 1 9  ? -3.712  -0.800  -12.498 1.00 0.67 ? 21 DA B "H3'"  1 
ATOM 660 H "H2'"  . DA B 1 9  ? -1.486  -0.885  -11.600 1.00 0.58 ? 21 DA B "H2'"  1 
ATOM 661 H "H2''" . DA B 1 9  ? -1.408  0.634   -12.503 1.00 0.57 ? 21 DA B "H2''" 1 
ATOM 662 H "H1'"  . DA B 1 9  ? -1.976  1.960   -10.572 1.00 0.54 ? 21 DA B "H1'"  1 
ATOM 663 H H8     . DA B 1 9  ? -0.294  -1.422  -9.798  1.00 0.51 ? 21 DA B H8     1 
ATOM 664 H H61    . DA B 1 9  ? 3.953   1.911   -6.809  1.00 0.58 ? 21 DA B H61    1 
ATOM 665 H H62    . DA B 1 9  ? 3.463   0.299   -7.267  1.00 0.52 ? 21 DA B H62    1 
ATOM 666 H H2     . DA B 1 9  ? 0.865   4.723   -8.430  1.00 0.55 ? 21 DA B H2     1 
ATOM 667 P P      . DG B 1 10 ? -3.337  1.595   -14.038 1.00 0.63 ? 22 DG B P      1 
ATOM 668 O OP1    . DG B 1 10 ? -4.482  2.046   -14.858 1.00 0.68 ? 22 DG B OP1    1 
ATOM 669 O OP2    . DG B 1 10 ? -2.495  0.475   -14.513 1.00 0.68 ? 22 DG B OP2    1 
ATOM 670 O "O5'"  . DG B 1 10 ? -2.396  2.847   -13.783 1.00 0.53 ? 22 DG B "O5'"  1 
ATOM 671 C "C5'"  . DG B 1 10 ? -2.747  3.837   -12.828 1.00 0.51 ? 22 DG B "C5'"  1 
ATOM 672 C "C4'"  . DG B 1 10 ? -2.050  5.120   -13.117 1.00 0.42 ? 22 DG B "C4'"  1 
ATOM 673 O "O4'"  . DG B 1 10 ? -0.907  5.198   -12.261 1.00 0.54 ? 22 DG B "O4'"  1 
ATOM 674 C "C3'"  . DG B 1 10 ? -1.540  5.293   -14.537 1.00 0.42 ? 22 DG B "C3'"  1 
ATOM 675 O "O3'"  . DG B 1 10 ? -1.829  6.604   -15.003 1.00 0.44 ? 22 DG B "O3'"  1 
ATOM 676 C "C2'"  . DG B 1 10 ? -0.049  5.048   -14.446 1.00 0.45 ? 22 DG B "C2'"  1 
ATOM 677 C "C1'"  . DG B 1 10 ? 0.284   5.248   -12.989 1.00 0.44 ? 22 DG B "C1'"  1 
ATOM 678 N N9     . DG B 1 10 ? 1.200   4.273   -12.419 1.00 0.37 ? 22 DG B N9     1 
ATOM 679 C C8     . DG B 1 10 ? 1.137   2.909   -12.521 1.00 0.40 ? 22 DG B C8     1 
ATOM 680 N N7     . DG B 1 10 ? 2.096   2.301   -11.892 1.00 0.39 ? 22 DG B N7     1 
ATOM 681 C C5     . DG B 1 10 ? 2.842   3.326   -11.344 1.00 0.35 ? 22 DG B C5     1 
ATOM 682 C C6     . DG B 1 10 ? 4.008   3.281   -10.553 1.00 0.40 ? 22 DG B C6     1 
ATOM 683 O O6     . DG B 1 10 ? 4.634   2.294   -10.166 1.00 0.48 ? 22 DG B O6     1 
ATOM 684 N N1     . DG B 1 10 ? 4.440   4.552   -10.212 1.00 0.43 ? 22 DG B N1     1 
ATOM 685 C C2     . DG B 1 10 ? 3.828   5.717   -10.583 1.00 0.40 ? 22 DG B C2     1 
ATOM 686 N N2     . DG B 1 10 ? 4.397   6.846   -10.157 1.00 0.48 ? 22 DG B N2     1 
ATOM 687 N N3     . DG B 1 10 ? 2.739   5.773   -11.320 1.00 0.36 ? 22 DG B N3     1 
ATOM 688 C C4     . DG B 1 10 ? 2.303   4.549   -11.662 1.00 0.34 ? 22 DG B C4     1 
ATOM 689 H "H5'"  . DG B 1 10 ? -2.477  3.507   -11.842 1.00 0.63 ? 22 DG B "H5'"  1 
ATOM 690 H "H5''" . DG B 1 10 ? -3.803  4.008   -12.851 1.00 0.57 ? 22 DG B "H5''" 1 
ATOM 691 H "H4'"  . DG B 1 10 ? -2.762  5.912   -12.940 1.00 0.41 ? 22 DG B "H4'"  1 
ATOM 692 H "H3'"  . DG B 1 10 ? -2.024  4.604   -15.223 1.00 0.43 ? 22 DG B "H3'"  1 
ATOM 693 H "H2'"  . DG B 1 10 ? 0.218   4.062   -14.795 1.00 0.49 ? 22 DG B "H2'"  1 
ATOM 694 H "H2''" . DG B 1 10 ? 0.507   5.789   -15.010 1.00 0.48 ? 22 DG B "H2''" 1 
ATOM 695 H "H1'"  . DG B 1 10 ? 0.704   6.224   -12.831 1.00 0.50 ? 22 DG B "H1'"  1 
ATOM 696 H H8     . DG B 1 10 ? 0.377   2.389   -13.073 1.00 0.48 ? 22 DG B H8     1 
ATOM 697 H H1     . DG B 1 10 ? 5.268   4.621   -9.646  1.00 0.50 ? 22 DG B H1     1 
ATOM 698 H H21    . DG B 1 10 ? 5.228   6.806   -9.595  1.00 0.55 ? 22 DG B H21    1 
ATOM 699 H H22    . DG B 1 10 ? 3.995   7.736   -10.397 1.00 0.50 ? 22 DG B H22    1 
ATOM 700 P P      . DT B 1 11 ? -1.086  7.175   -16.302 1.00 0.51 ? 23 DT B P      1 
ATOM 701 O OP1    . DT B 1 11 ? -1.820  8.375   -16.767 1.00 0.55 ? 23 DT B OP1    1 
ATOM 702 O OP2    . DT B 1 11 ? -0.868  6.041   -17.228 1.00 0.57 ? 23 DT B OP2    1 
ATOM 703 O "O5'"  . DT B 1 11 ? 0.325   7.638   -15.747 1.00 0.51 ? 23 DT B "O5'"  1 
ATOM 704 C "C5'"  . DT B 1 11 ? 0.416   8.599   -14.708 1.00 0.51 ? 23 DT B "C5'"  1 
ATOM 705 C "C4'"  . DT B 1 11 ? 1.840   9.047   -14.538 1.00 0.59 ? 23 DT B "C4'"  1 
ATOM 706 O "O4'"  . DT B 1 11 ? 2.558   7.991   -13.850 1.00 0.56 ? 23 DT B "O4'"  1 
ATOM 707 C "C3'"  . DT B 1 11 ? 2.598   9.309   -15.827 1.00 0.67 ? 23 DT B "C3'"  1 
ATOM 708 O "O3'"  . DT B 1 11 ? 3.303   10.540  -15.759 1.00 0.78 ? 23 DT B "O3'"  1 
ATOM 709 C "C2'"  . DT B 1 11 ? 3.556   8.140   -15.945 1.00 0.67 ? 23 DT B "C2'"  1 
ATOM 710 C "C1'"  . DT B 1 11 ? 3.766   7.728   -14.510 1.00 0.62 ? 23 DT B "C1'"  1 
ATOM 711 N N1     . DT B 1 11 ? 4.118   6.310   -14.309 1.00 0.57 ? 23 DT B N1     1 
ATOM 712 C C2     . DT B 1 11 ? 5.243   6.021   -13.574 1.00 0.58 ? 23 DT B C2     1 
ATOM 713 O O2     . DT B 1 11 ? 5.963   6.877   -13.098 1.00 0.65 ? 23 DT B O2     1 
ATOM 714 N N3     . DT B 1 11 ? 5.497   4.686   -13.418 1.00 0.55 ? 23 DT B N3     1 
ATOM 715 C C4     . DT B 1 11 ? 4.760   3.636   -13.913 1.00 0.50 ? 23 DT B C4     1 
ATOM 716 O O4     . DT B 1 11 ? 5.105   2.484   -13.676 1.00 0.48 ? 23 DT B O4     1 
ATOM 717 C C5     . DT B 1 11 ? 3.600   4.009   -14.681 1.00 0.49 ? 23 DT B C5     1 
ATOM 718 C C7     . DT B 1 11 ? 2.756   2.933   -15.275 1.00 0.49 ? 23 DT B C7     1 
ATOM 719 C C6     . DT B 1 11 ? 3.335   5.311   -14.840 1.00 0.53 ? 23 DT B C6     1 
ATOM 720 H "H5'"  . DT B 1 11 ? 0.067   8.165   -13.777 1.00 0.48 ? 23 DT B "H5'"  1 
ATOM 721 H "H5''" . DT B 1 11 ? -0.198  9.463   -14.947 1.00 0.53 ? 23 DT B "H5''" 1 
ATOM 722 H "H4'"  . DT B 1 11 ? 1.819   9.987   -13.992 1.00 0.64 ? 23 DT B "H4'"  1 
ATOM 723 H "H3'"  . DT B 1 11 ? 1.927   9.383   -16.679 1.00 0.68 ? 23 DT B "H3'"  1 
ATOM 724 H "H2'"  . DT B 1 11 ? 3.134   7.342   -16.542 1.00 0.64 ? 23 DT B "H2'"  1 
ATOM 725 H "H2''" . DT B 1 11 ? 4.501   8.445   -16.378 1.00 0.75 ? 23 DT B "H2''" 1 
ATOM 726 H "H1'"  . DT B 1 11 ? 4.526   8.336   -14.030 1.00 0.70 ? 23 DT B "H1'"  1 
ATOM 727 H H3     . DT B 1 11 ? 6.312   4.448   -12.879 1.00 0.57 ? 23 DT B H3     1 
ATOM 728 H H71    . DT B 1 11 ? 2.797   2.568   -15.611 1.00 1.09 ? 23 DT B H71    1 
ATOM 729 H H72    . DT B 1 11 ? 2.356   2.915   -15.522 1.00 1.03 ? 23 DT B H72    1 
ATOM 730 H H73    . DT B 1 11 ? 2.500   2.531   -15.129 1.00 1.15 ? 23 DT B H73    1 
ATOM 731 H H6     . DT B 1 11 ? 2.460   5.594   -15.419 1.00 0.54 ? 23 DT B H6     1 
ATOM 732 P P      . DC B 1 12 ? 4.219   11.001  -16.986 1.00 0.91 ? 24 DC B P      1 
ATOM 733 O OP1    . DC B 1 12 ? 4.131   12.466  -17.094 1.00 1.03 ? 24 DC B OP1    1 
ATOM 734 O OP2    . DC B 1 12 ? 3.879   10.169  -18.149 1.00 0.92 ? 24 DC B OP2    1 
ATOM 735 O "O5'"  . DC B 1 12 ? 5.685   10.624  -16.537 1.00 0.98 ? 24 DC B "O5'"  1 
ATOM 736 C "C5'"  . DC B 1 12 ? 6.130   10.883  -15.224 1.00 1.00 ? 24 DC B "C5'"  1 
ATOM 737 C "C4'"  . DC B 1 12 ? 7.552   11.262  -15.228 1.00 1.23 ? 24 DC B "C4'"  1 
ATOM 738 O "O4'"  . DC B 1 12 ? 8.307   10.133  -14.833 1.00 1.23 ? 24 DC B "O4'"  1 
ATOM 739 C "C3'"  . DC B 1 12 ? 8.127   11.689  -16.553 1.00 1.38 ? 24 DC B "C3'"  1 
ATOM 740 O "O3'"  . DC B 1 12 ? 8.797   12.898  -16.446 1.00 1.68 ? 24 DC B "O3'"  1 
ATOM 741 C "C2'"  . DC B 1 12 ? 9.117   10.632  -16.945 1.00 1.38 ? 24 DC B "C2'"  1 
ATOM 742 C "C1'"  . DC B 1 12 ? 9.018   9.574   -15.882 1.00 1.28 ? 24 DC B "C1'"  1 
ATOM 743 N N1     . DC B 1 12 ? 8.375   8.319   -16.257 1.00 1.22 ? 24 DC B N1     1 
ATOM 744 C C2     . DC B 1 12 ? 8.955   7.131   -15.826 1.00 1.18 ? 24 DC B C2     1 
ATOM 745 O O2     . DC B 1 12 ? 9.981   7.173   -15.149 1.00 1.17 ? 24 DC B O2     1 
ATOM 746 N N3     . DC B 1 12 ? 8.385   5.969   -16.154 1.00 1.18 ? 24 DC B N3     1 
ATOM 747 C C4     . DC B 1 12 ? 7.281   5.963   -16.884 1.00 1.23 ? 24 DC B C4     1 
ATOM 748 N N4     . DC B 1 12 ? 6.752   4.793   -17.183 1.00 1.29 ? 24 DC B N4     1 
ATOM 749 C C5     . DC B 1 12 ? 6.668   7.156   -17.338 1.00 1.27 ? 24 DC B C5     1 
ATOM 750 C C6     . DC B 1 12 ? 7.241   8.301   -17.005 1.00 1.26 ? 24 DC B C6     1 
ATOM 751 H "H5'"  . DC B 1 12 ? 6.008   10.014  -14.624 1.00 0.93 ? 24 DC B "H5'"  1 
ATOM 752 H "H5''" . DC B 1 12 ? 5.567   11.678  -14.791 1.00 1.02 ? 24 DC B "H5''" 1 
ATOM 753 H "H4'"  . DC B 1 12 ? 7.637   12.088  -14.558 1.00 1.38 ? 24 DC B "H4'"  1 
ATOM 754 H "H3'"  . DC B 1 12 ? 7.373   11.823  -17.288 1.00 1.34 ? 24 DC B "H3'"  1 
ATOM 755 H "HO3'" . DC B 1 12 ? 8.703   13.256  -16.433 1.00 2.05 ? 24 DC B "HO3'" 1 
ATOM 756 H "H2'"  . DC B 1 12 ? 8.929   10.253  -17.930 1.00 1.38 ? 24 DC B "H2'"  1 
ATOM 757 H "H2''" . DC B 1 12 ? 10.122  10.999  -16.897 1.00 1.50 ? 24 DC B "H2''" 1 
ATOM 758 H "H1'"  . DC B 1 12 ? 9.993   9.333   -15.500 1.00 1.33 ? 24 DC B "H1'"  1 
ATOM 759 H H41    . DC B 1 12 ? 7.187   3.949   -16.862 1.00 1.29 ? 24 DC B H41    1 
ATOM 760 H H42    . DC B 1 12 ? 5.916   4.753   -17.734 1.00 1.35 ? 24 DC B H42    1 
ATOM 761 H H5     . DC B 1 12 ? 5.766   7.137   -17.934 1.00 1.33 ? 24 DC B H5     1 
ATOM 762 H H6     . DC B 1 12 ? 6.790   9.229   -17.332 1.00 1.31 ? 24 DC B H6     1 
# 
